data_4HAQ
#
_entry.id   4HAQ
#
_cell.length_a   52.390
_cell.length_b   54.270
_cell.length_c   72.670
_cell.angle_alpha   94.39
_cell.angle_beta   96.33
_cell.angle_gamma   94.99
#
_symmetry.space_group_name_H-M   'P 1'
#
loop_
_entity.id
_entity.type
_entity.pdbx_description
1 polymer 'GH7 family protein'
2 branched beta-D-glucopyranose-(1-4)-beta-D-glucopyranose
3 branched beta-D-glucopyranose-(1-4)-beta-D-glucopyranose-(1-4)-alpha-D-glucopyranose
4 non-polymer 'MAGNESIUM ION'
5 non-polymer 2-AMINO-2-HYDROXYMETHYL-PROPANE-1,3-DIOL
6 non-polymer 'CALCIUM ION'
7 water water
#
_entity_poly.entity_id   1
_entity_poly.type   'polypeptide(L)'
_entity_poly.pdbx_seq_one_letter_code
;(PCA)QAGTETEEYHLPLTWERDGSSVSASVVIDSNWRWTHSTEDTTNCYDGNEWDSTLCPDADTCTENCAIDGVDQGTW
GDTYGITASGSKLTLSFVTEGEYSTDIGSRVFLMADDDNYEIFNLLDKEFSFDVDASNLPCGLNGALYFVSMDEDGGTSK
YSTNTAGAKYGTGYCDAQCPHDMKFIAGKANSDGWTPSDNDQNAGTGEMGACCHEMDIWEANSQAQSYTAHVCSVDGYTP
CTGTDCGDNGDDRYKGVCDKDGCDYAAYRLGQHDFYGEGGTVDSGSTLTVITQFITGGGGLNEIRRIYQQGGQTIQNAAV
NFPGDVDPYDSITEDFCVDIKRYFGDTNDFDAKGGMSGMSNALKKGMVLVMSLWDDHYANMLWLDATYPVDSTEPGALRG
PCSTDSGDPADVEANFPGSTVTFSNIKIGPIQSYD
;
_entity_poly.pdbx_strand_id   A,B
#
# COMPACT_ATOMS: atom_id res chain seq x y z
N GLN A 2 -28.60 -26.92 -3.91
CA GLN A 2 -27.58 -27.85 -3.41
C GLN A 2 -26.32 -27.75 -4.26
N ALA A 3 -25.21 -28.26 -3.74
CA ALA A 3 -23.93 -28.22 -4.44
C ALA A 3 -23.81 -29.42 -5.35
N GLY A 4 -23.29 -29.23 -6.56
CA GLY A 4 -22.94 -30.35 -7.49
C GLY A 4 -21.55 -30.89 -7.12
N THR A 5 -21.13 -32.01 -7.73
CA THR A 5 -19.84 -32.61 -7.40
C THR A 5 -18.86 -32.71 -8.59
N GLU A 6 -19.21 -32.11 -9.73
CA GLU A 6 -18.36 -32.17 -10.93
C GLU A 6 -17.01 -31.44 -10.78
N THR A 7 -16.97 -30.36 -9.98
CA THR A 7 -15.79 -29.45 -9.80
C THR A 7 -15.65 -29.19 -8.27
N GLU A 8 -14.47 -29.42 -7.71
CA GLU A 8 -14.19 -29.08 -6.29
C GLU A 8 -14.29 -27.55 -6.12
N GLU A 9 -14.75 -27.05 -4.97
CA GLU A 9 -14.82 -25.58 -4.73
C GLU A 9 -13.49 -25.04 -4.15
N TYR A 10 -12.84 -24.12 -4.84
CA TYR A 10 -11.61 -23.54 -4.30
C TYR A 10 -11.81 -22.02 -4.19
N HIS A 11 -11.64 -21.47 -3.01
CA HIS A 11 -11.78 -20.02 -2.82
C HIS A 11 -10.40 -19.42 -3.12
N LEU A 12 -10.36 -18.35 -3.90
CA LEU A 12 -9.08 -17.75 -4.24
C LEU A 12 -8.45 -16.98 -3.06
N PRO A 13 -7.21 -17.36 -2.59
CA PRO A 13 -6.67 -16.69 -1.39
C PRO A 13 -6.48 -15.21 -1.56
N LEU A 14 -6.84 -14.40 -0.53
CA LEU A 14 -6.63 -12.96 -0.58
C LEU A 14 -6.27 -12.48 0.80
N THR A 15 -5.17 -11.73 0.96
CA THR A 15 -4.86 -11.13 2.28
C THR A 15 -5.52 -9.76 2.49
N TRP A 16 -5.83 -9.41 3.73
CA TRP A 16 -6.31 -8.07 4.00
C TRP A 16 -5.94 -7.71 5.46
N GLU A 17 -6.28 -6.50 5.89
CA GLU A 17 -5.89 -6.08 7.26
C GLU A 17 -7.06 -5.63 8.12
N ARG A 18 -7.20 -6.26 9.27
CA ARG A 18 -8.31 -6.03 10.17
C ARG A 18 -7.76 -5.57 11.48
N ASP A 19 -7.97 -4.29 11.76
CA ASP A 19 -7.54 -3.68 13.01
C ASP A 19 -6.07 -3.97 13.27
N GLY A 20 -5.21 -3.52 12.36
CA GLY A 20 -3.78 -3.61 12.58
C GLY A 20 -3.14 -4.97 12.38
N SER A 21 -3.92 -6.03 12.11
CA SER A 21 -3.29 -7.34 11.80
C SER A 21 -3.69 -8.06 10.44
N SER A 22 -2.74 -8.75 9.86
CA SER A 22 -2.92 -9.39 8.56
CA SER A 22 -2.93 -9.38 8.56
C SER A 22 -3.87 -10.58 8.64
N VAL A 23 -4.80 -10.70 7.71
CA VAL A 23 -5.77 -11.79 7.74
C VAL A 23 -5.65 -12.55 6.45
N SER A 24 -5.41 -13.84 6.53
CA SER A 24 -5.29 -14.65 5.33
C SER A 24 -6.66 -15.19 4.95
N ALA A 25 -7.34 -14.48 4.06
CA ALA A 25 -8.74 -14.80 3.76
C ALA A 25 -8.82 -15.38 2.33
N SER A 26 -9.97 -15.26 1.73
CA SER A 26 -10.10 -15.71 0.38
C SER A 26 -11.38 -15.07 -0.18
N VAL A 27 -11.60 -15.17 -1.51
CA VAL A 27 -12.84 -14.77 -2.12
C VAL A 27 -13.54 -15.91 -2.82
N VAL A 28 -14.85 -15.73 -2.98
CA VAL A 28 -15.73 -16.73 -3.57
C VAL A 28 -16.59 -16.07 -4.71
N ILE A 29 -16.82 -16.78 -5.81
CA ILE A 29 -17.63 -16.35 -6.91
C ILE A 29 -19.15 -16.44 -6.56
N ASP A 30 -19.88 -15.40 -6.88
CA ASP A 30 -21.33 -15.42 -6.69
C ASP A 30 -22.00 -16.59 -7.42
N SER A 31 -22.95 -17.27 -6.76
CA SER A 31 -23.59 -18.46 -7.37
C SER A 31 -24.23 -18.21 -8.76
N ASN A 32 -24.63 -16.97 -9.03
CA ASN A 32 -25.11 -16.62 -10.39
C ASN A 32 -24.11 -16.80 -11.53
N TRP A 33 -22.79 -16.79 -11.23
CA TRP A 33 -21.76 -17.03 -12.24
C TRP A 33 -21.48 -18.50 -12.39
N ARG A 34 -22.20 -19.35 -11.68
CA ARG A 34 -21.82 -20.77 -11.64
C ARG A 34 -22.64 -21.60 -12.64
N TRP A 35 -22.13 -22.77 -12.94
CA TRP A 35 -22.90 -23.71 -13.73
C TRP A 35 -24.01 -24.37 -12.90
N THR A 36 -25.26 -24.29 -13.38
CA THR A 36 -26.41 -24.93 -12.73
C THR A 36 -26.91 -26.13 -13.55
N HIS A 37 -26.83 -27.35 -13.00
CA HIS A 37 -26.94 -28.57 -13.77
C HIS A 37 -27.68 -29.63 -12.92
N SER A 38 -28.14 -30.69 -13.55
CA SER A 38 -28.91 -31.76 -12.91
C SER A 38 -28.08 -32.39 -11.85
N THR A 39 -28.69 -32.87 -10.78
CA THR A 39 -27.92 -33.50 -9.75
C THR A 39 -27.52 -34.91 -10.25
N GLU A 40 -28.16 -35.41 -11.30
CA GLU A 40 -27.96 -36.76 -11.85
C GLU A 40 -26.76 -36.86 -12.78
N ASP A 41 -26.51 -35.80 -13.55
CA ASP A 41 -25.44 -35.78 -14.55
C ASP A 41 -25.07 -34.36 -14.93
N THR A 42 -24.90 -34.16 -16.23
CA THR A 42 -24.23 -33.00 -16.75
C THR A 42 -25.20 -32.07 -17.50
N THR A 43 -26.46 -32.43 -17.53
CA THR A 43 -27.44 -31.65 -18.27
C THR A 43 -27.65 -30.33 -17.60
N ASN A 44 -27.57 -29.24 -18.35
CA ASN A 44 -27.95 -27.94 -17.83
C ASN A 44 -29.38 -27.82 -17.31
N CYS A 45 -29.55 -27.30 -16.09
CA CYS A 45 -30.87 -26.84 -15.70
C CYS A 45 -31.12 -25.44 -16.22
N TYR A 46 -30.06 -24.64 -16.25
CA TYR A 46 -30.13 -23.23 -16.74
C TYR A 46 -29.30 -23.20 -18.00
N ASP A 47 -29.94 -22.86 -19.12
CA ASP A 47 -29.29 -23.19 -20.41
C ASP A 47 -29.45 -21.98 -21.30
N GLY A 48 -28.37 -21.26 -21.54
CA GLY A 48 -28.46 -19.96 -22.18
C GLY A 48 -29.00 -18.89 -21.24
N ASN A 49 -30.23 -18.45 -21.49
CA ASN A 49 -30.85 -17.66 -20.47
C ASN A 49 -32.27 -18.11 -20.16
N GLU A 50 -32.49 -19.41 -20.19
CA GLU A 50 -33.79 -20.01 -19.87
C GLU A 50 -33.54 -21.30 -19.06
N TRP A 51 -34.49 -21.66 -18.22
CA TRP A 51 -34.34 -22.89 -17.49
C TRP A 51 -34.83 -24.05 -18.34
N ASP A 52 -34.29 -25.25 -18.10
CA ASP A 52 -34.77 -26.44 -18.80
C ASP A 52 -36.21 -26.76 -18.42
N SER A 53 -37.15 -26.85 -19.35
CA SER A 53 -38.53 -26.93 -18.85
C SER A 53 -38.92 -28.33 -18.39
N THR A 54 -38.15 -29.34 -18.76
CA THR A 54 -38.41 -30.68 -18.22
C THR A 54 -37.93 -30.83 -16.80
N LEU A 55 -36.70 -30.40 -16.55
CA LEU A 55 -36.07 -30.47 -15.24
C LEU A 55 -36.65 -29.42 -14.32
N CYS A 56 -37.12 -28.32 -14.88
CA CYS A 56 -37.59 -27.23 -14.04
C CYS A 56 -39.00 -26.78 -14.40
N PRO A 57 -40.03 -27.62 -14.14
CA PRO A 57 -41.38 -27.19 -14.53
C PRO A 57 -41.98 -26.26 -13.50
N ASP A 58 -41.44 -26.23 -12.26
CA ASP A 58 -41.86 -25.22 -11.25
C ASP A 58 -40.65 -25.04 -10.35
N ALA A 59 -40.65 -24.06 -9.45
CA ALA A 59 -39.44 -23.75 -8.73
C ALA A 59 -39.03 -24.89 -7.75
N ASP A 60 -40.05 -25.51 -7.11
CA ASP A 60 -39.78 -26.57 -6.14
C ASP A 60 -39.14 -27.78 -6.82
N THR A 61 -39.62 -28.14 -8.00
CA THR A 61 -39.05 -29.31 -8.74
C THR A 61 -37.65 -28.94 -9.23
N CYS A 62 -37.54 -27.73 -9.77
CA CYS A 62 -36.25 -27.21 -10.20
C CYS A 62 -35.23 -27.26 -9.08
N THR A 63 -35.61 -26.78 -7.88
CA THR A 63 -34.70 -26.79 -6.74
C THR A 63 -34.27 -28.22 -6.36
N GLU A 64 -35.21 -29.15 -6.37
CA GLU A 64 -34.89 -30.52 -6.06
C GLU A 64 -33.94 -31.16 -7.11
N ASN A 65 -34.11 -30.84 -8.39
CA ASN A 65 -33.37 -31.50 -9.49
C ASN A 65 -32.04 -30.85 -9.86
N CYS A 66 -31.80 -29.67 -9.39
CA CYS A 66 -30.61 -28.94 -9.90
C CYS A 66 -29.57 -28.64 -8.78
N ALA A 67 -28.34 -28.37 -9.22
CA ALA A 67 -27.23 -28.16 -8.34
C ALA A 67 -26.31 -27.07 -8.91
N ILE A 68 -25.60 -26.35 -8.04
CA ILE A 68 -24.63 -25.38 -8.52
C ILE A 68 -23.24 -25.91 -8.28
N ASP A 69 -22.37 -25.77 -9.26
CA ASP A 69 -21.11 -26.51 -9.14
C ASP A 69 -19.95 -25.66 -8.73
N GLY A 70 -18.81 -26.32 -8.48
CA GLY A 70 -17.67 -25.65 -7.89
C GLY A 70 -16.84 -24.88 -8.88
N VAL A 71 -15.94 -24.06 -8.39
CA VAL A 71 -14.99 -23.33 -9.22
C VAL A 71 -13.64 -23.72 -8.66
N ASP A 72 -12.83 -24.42 -9.45
CA ASP A 72 -11.58 -24.92 -8.94
C ASP A 72 -10.44 -23.95 -9.26
N GLN A 73 -9.22 -24.35 -8.91
CA GLN A 73 -8.14 -23.40 -8.89
C GLN A 73 -7.93 -22.83 -10.26
N GLY A 74 -7.97 -23.73 -11.25
CA GLY A 74 -7.77 -23.35 -12.64
C GLY A 74 -8.82 -22.45 -13.21
N THR A 75 -10.10 -22.68 -12.87
CA THR A 75 -11.27 -21.92 -13.46
C THR A 75 -11.24 -20.41 -13.16
N TRP A 76 -10.73 -20.03 -11.99
CA TRP A 76 -10.76 -18.61 -11.68
C TRP A 76 -10.11 -17.77 -12.77
N GLY A 77 -8.89 -18.13 -13.13
CA GLY A 77 -8.19 -17.45 -14.22
C GLY A 77 -8.84 -17.77 -15.59
N ASP A 78 -8.98 -19.02 -15.97
CA ASP A 78 -9.38 -19.14 -17.38
C ASP A 78 -10.85 -19.10 -17.81
N THR A 79 -11.80 -19.20 -16.86
CA THR A 79 -13.17 -18.89 -17.18
C THR A 79 -13.53 -17.47 -16.79
N TYR A 80 -13.08 -17.00 -15.61
CA TYR A 80 -13.53 -15.69 -15.10
C TYR A 80 -12.52 -14.53 -15.28
N GLY A 81 -11.26 -14.85 -15.57
CA GLY A 81 -10.21 -13.83 -15.71
C GLY A 81 -9.90 -13.16 -14.35
N ILE A 82 -9.98 -13.93 -13.26
CA ILE A 82 -9.78 -13.36 -11.92
C ILE A 82 -8.47 -13.88 -11.42
N THR A 83 -7.62 -12.96 -11.01
CA THR A 83 -6.39 -13.38 -10.35
C THR A 83 -6.19 -12.63 -9.03
N ALA A 84 -5.41 -13.25 -8.15
CA ALA A 84 -5.04 -12.59 -6.94
C ALA A 84 -3.61 -12.96 -6.58
N SER A 85 -2.94 -12.05 -5.87
CA SER A 85 -1.67 -12.35 -5.23
C SER A 85 -1.45 -11.36 -4.08
N GLY A 86 -1.01 -11.88 -2.92
CA GLY A 86 -0.90 -11.06 -1.75
C GLY A 86 -2.26 -10.46 -1.41
N SER A 87 -2.30 -9.13 -1.38
CA SER A 87 -3.51 -8.39 -1.01
CA SER A 87 -3.52 -8.41 -1.03
C SER A 87 -4.16 -7.76 -2.24
N LYS A 88 -3.75 -8.19 -3.46
CA LYS A 88 -4.28 -7.62 -4.71
C LYS A 88 -5.21 -8.58 -5.40
N LEU A 89 -6.36 -8.08 -5.87
CA LEU A 89 -7.31 -8.85 -6.68
C LEU A 89 -7.62 -8.10 -7.98
N THR A 90 -7.63 -8.84 -9.10
CA THR A 90 -7.89 -8.27 -10.39
C THR A 90 -9.08 -8.98 -11.01
N LEU A 91 -10.04 -8.18 -11.42
CA LEU A 91 -11.24 -8.69 -12.08
C LEU A 91 -11.19 -8.31 -13.54
N SER A 92 -11.61 -9.24 -14.40
CA SER A 92 -11.62 -9.03 -15.85
C SER A 92 -13.01 -8.85 -16.43
N PHE A 93 -13.04 -8.22 -17.60
CA PHE A 93 -14.33 -7.93 -18.19
C PHE A 93 -14.80 -9.10 -19.08
N VAL A 94 -14.29 -9.23 -20.30
CA VAL A 94 -14.73 -10.30 -21.19
C VAL A 94 -13.64 -11.35 -21.17
N THR A 95 -13.94 -12.53 -20.67
CA THR A 95 -12.99 -13.64 -20.81
C THR A 95 -13.54 -14.75 -21.69
N GLU A 96 -12.92 -14.97 -22.86
CA GLU A 96 -13.32 -16.06 -23.76
C GLU A 96 -12.67 -17.36 -23.29
N GLY A 97 -13.45 -18.23 -22.68
CA GLY A 97 -12.92 -19.49 -22.17
C GLY A 97 -13.02 -20.62 -23.18
N GLU A 98 -13.13 -21.83 -22.64
CA GLU A 98 -13.20 -23.06 -23.42
C GLU A 98 -14.23 -22.99 -24.55
N TYR A 99 -15.47 -23.17 -24.14
CA TYR A 99 -16.60 -23.25 -25.05
C TYR A 99 -17.51 -22.04 -24.87
N SER A 100 -17.32 -21.31 -23.76
CA SER A 100 -18.11 -20.13 -23.41
C SER A 100 -17.31 -18.88 -23.00
N THR A 101 -18.10 -17.83 -22.80
CA THR A 101 -17.59 -16.52 -22.64
C THR A 101 -18.24 -15.85 -21.44
N ASP A 102 -17.39 -15.46 -20.50
CA ASP A 102 -17.84 -14.82 -19.27
C ASP A 102 -17.80 -13.29 -19.39
N ILE A 103 -18.82 -12.61 -18.89
CA ILE A 103 -18.77 -11.15 -18.80
C ILE A 103 -18.72 -10.70 -17.35
N GLY A 104 -17.63 -10.06 -16.94
CA GLY A 104 -17.44 -9.57 -15.60
C GLY A 104 -17.58 -10.60 -14.49
N SER A 105 -17.78 -10.13 -13.26
CA SER A 105 -17.82 -11.10 -12.16
C SER A 105 -18.19 -10.38 -10.92
N ARG A 106 -18.54 -11.15 -9.89
CA ARG A 106 -18.88 -10.61 -8.57
C ARG A 106 -18.40 -11.63 -7.59
N VAL A 107 -17.63 -11.17 -6.59
CA VAL A 107 -17.05 -12.03 -5.56
C VAL A 107 -17.34 -11.49 -4.16
N PHE A 108 -17.28 -12.38 -3.16
CA PHE A 108 -17.45 -11.98 -1.77
C PHE A 108 -16.19 -12.33 -0.96
N LEU A 109 -15.83 -11.51 0.03
CA LEU A 109 -14.73 -11.89 0.95
C LEU A 109 -15.21 -12.90 1.99
N MET A 110 -14.50 -14.03 2.09
CA MET A 110 -14.80 -15.12 3.05
C MET A 110 -14.07 -14.92 4.38
N ALA A 111 -14.68 -15.42 5.46
CA ALA A 111 -14.01 -15.49 6.79
C ALA A 111 -13.33 -16.84 6.88
N ASP A 112 -14.02 -17.86 6.42
CA ASP A 112 -13.47 -19.20 6.37
C ASP A 112 -14.14 -19.92 5.19
N ASP A 113 -13.94 -21.24 5.07
CA ASP A 113 -14.56 -21.97 3.96
C ASP A 113 -16.08 -21.85 3.94
N ASP A 114 -16.73 -21.68 5.08
CA ASP A 114 -18.18 -21.72 5.02
C ASP A 114 -18.94 -20.45 5.31
N ASN A 115 -18.23 -19.37 5.57
CA ASN A 115 -18.88 -18.13 6.04
C ASN A 115 -18.32 -16.91 5.43
N TYR A 116 -19.16 -15.95 5.08
CA TYR A 116 -18.59 -14.64 4.68
C TYR A 116 -17.96 -13.91 5.87
N GLU A 117 -16.96 -13.07 5.62
CA GLU A 117 -16.50 -12.11 6.60
C GLU A 117 -17.60 -11.06 6.85
N ILE A 118 -17.85 -10.74 8.13
CA ILE A 118 -18.85 -9.82 8.47
C ILE A 118 -18.17 -8.57 8.99
N PHE A 119 -18.49 -7.45 8.37
CA PHE A 119 -17.89 -6.16 8.66
C PHE A 119 -18.86 -5.32 9.45
N ASN A 120 -18.40 -4.77 10.56
CA ASN A 120 -19.21 -3.83 11.35
C ASN A 120 -18.60 -2.46 11.19
N LEU A 121 -19.12 -1.66 10.26
CA LEU A 121 -18.36 -0.49 9.78
C LEU A 121 -18.52 0.72 10.72
N LEU A 122 -19.52 0.67 11.59
CA LEU A 122 -19.74 1.84 12.51
C LEU A 122 -18.54 2.20 13.35
N ASP A 123 -18.20 3.48 13.30
CA ASP A 123 -17.12 4.08 14.07
C ASP A 123 -15.77 3.52 13.59
N LYS A 124 -15.70 3.18 12.30
CA LYS A 124 -14.51 2.60 11.74
C LYS A 124 -14.18 3.34 10.48
N GLU A 125 -12.94 3.09 10.03
CA GLU A 125 -12.46 3.66 8.82
C GLU A 125 -12.11 2.47 7.93
N PHE A 126 -12.59 2.51 6.70
CA PHE A 126 -12.44 1.33 5.79
C PHE A 126 -11.67 1.85 4.62
N SER A 127 -10.59 1.21 4.20
CA SER A 127 -9.84 1.79 3.06
C SER A 127 -9.39 0.66 2.12
N PHE A 128 -9.03 1.06 0.91
CA PHE A 128 -8.45 0.13 -0.05
C PHE A 128 -7.79 0.95 -1.15
N ASP A 129 -7.06 0.24 -2.02
CA ASP A 129 -6.44 0.89 -3.19
C ASP A 129 -7.19 0.41 -4.41
N VAL A 130 -7.39 1.28 -5.39
CA VAL A 130 -8.03 0.81 -6.64
C VAL A 130 -7.31 1.39 -7.81
N ASP A 131 -7.23 0.61 -8.89
CA ASP A 131 -6.80 1.11 -10.15
C ASP A 131 -7.93 0.90 -11.13
N ALA A 132 -8.49 2.04 -11.51
CA ALA A 132 -9.67 2.11 -12.35
C ALA A 132 -9.33 2.59 -13.80
N SER A 133 -8.02 2.70 -14.06
CA SER A 133 -7.50 3.25 -15.26
C SER A 133 -7.92 2.48 -16.48
N ASN A 134 -8.16 1.18 -16.33
CA ASN A 134 -8.48 0.28 -17.45
C ASN A 134 -9.99 0.05 -17.48
N LEU A 135 -10.77 1.06 -17.06
CA LEU A 135 -12.22 0.93 -17.12
C LEU A 135 -12.75 2.13 -17.89
N PRO A 136 -13.18 1.90 -19.13
CA PRO A 136 -13.72 3.09 -19.84
C PRO A 136 -15.15 3.42 -19.48
N CYS A 137 -15.68 4.53 -20.04
CA CYS A 137 -17.13 4.74 -20.02
C CYS A 137 -17.94 3.48 -20.19
N GLY A 138 -18.97 3.36 -19.36
CA GLY A 138 -19.91 2.30 -19.51
C GLY A 138 -19.53 1.07 -18.70
N LEU A 139 -18.35 1.11 -18.05
CA LEU A 139 -18.04 -0.02 -17.14
C LEU A 139 -18.11 0.40 -15.65
N ASN A 140 -18.25 -0.53 -14.73
CA ASN A 140 -18.28 -0.16 -13.35
C ASN A 140 -17.48 -1.22 -12.58
N GLY A 141 -16.37 -0.78 -11.98
CA GLY A 141 -15.59 -1.60 -11.05
C GLY A 141 -16.05 -1.20 -9.64
N ALA A 142 -16.86 -2.02 -9.01
CA ALA A 142 -17.50 -1.62 -7.77
C ALA A 142 -17.01 -2.37 -6.56
N LEU A 143 -16.86 -1.66 -5.42
CA LEU A 143 -16.62 -2.27 -4.12
C LEU A 143 -17.68 -1.75 -3.14
N TYR A 144 -18.37 -2.67 -2.46
CA TYR A 144 -19.55 -2.31 -1.76
C TYR A 144 -19.91 -3.39 -0.75
N PHE A 145 -20.82 -3.05 0.14
CA PHE A 145 -21.25 -3.91 1.20
C PHE A 145 -22.72 -4.12 1.09
N VAL A 146 -23.14 -5.33 1.47
CA VAL A 146 -24.55 -5.65 1.47
C VAL A 146 -24.91 -6.49 2.67
N SER A 147 -26.17 -6.39 3.07
CA SER A 147 -26.64 -7.13 4.30
C SER A 147 -27.02 -8.57 3.98
N MET A 148 -26.12 -9.29 3.33
CA MET A 148 -26.24 -10.73 3.21
C MET A 148 -26.17 -11.47 4.54
N ASP A 149 -26.75 -12.68 4.58
CA ASP A 149 -26.53 -13.61 5.70
C ASP A 149 -25.12 -14.15 5.74
N GLU A 150 -24.54 -14.18 6.92
CA GLU A 150 -23.17 -14.64 7.11
C GLU A 150 -22.96 -16.03 6.46
N ASP A 151 -23.96 -16.88 6.52
CA ASP A 151 -23.74 -18.25 6.05
C ASP A 151 -24.30 -18.42 4.63
N GLY A 152 -24.64 -17.31 3.99
CA GLY A 152 -25.23 -17.28 2.65
C GLY A 152 -26.64 -17.86 2.58
N GLY A 153 -27.30 -18.06 3.73
CA GLY A 153 -28.68 -18.59 3.74
C GLY A 153 -28.88 -20.03 4.22
N THR A 154 -27.83 -20.79 4.53
CA THR A 154 -28.04 -22.22 4.92
C THR A 154 -28.84 -22.49 6.21
N SER A 155 -28.65 -21.66 7.24
CA SER A 155 -29.39 -21.87 8.47
C SER A 155 -30.86 -21.61 8.28
N LYS A 156 -31.19 -20.58 7.51
CA LYS A 156 -32.58 -20.22 7.37
C LYS A 156 -33.35 -20.92 6.27
N TYR A 157 -32.67 -21.41 5.25
CA TYR A 157 -33.42 -21.96 4.12
C TYR A 157 -32.93 -23.36 3.83
N SER A 158 -33.75 -24.37 4.12
CA SER A 158 -33.20 -25.69 4.31
C SER A 158 -32.82 -26.32 2.97
N THR A 159 -33.32 -25.79 1.85
CA THR A 159 -32.93 -26.36 0.53
C THR A 159 -31.67 -25.62 -0.04
N ASN A 160 -31.13 -24.69 0.73
CA ASN A 160 -29.84 -24.17 0.43
C ASN A 160 -28.83 -24.99 1.23
N THR A 161 -28.25 -25.98 0.61
CA THR A 161 -27.20 -26.69 1.35
C THR A 161 -25.82 -26.24 0.88
N ALA A 162 -25.78 -25.41 -0.15
CA ALA A 162 -24.50 -25.00 -0.74
C ALA A 162 -23.87 -23.86 0.05
N GLY A 163 -24.64 -22.82 0.30
CA GLY A 163 -24.29 -21.76 1.23
C GLY A 163 -23.19 -20.82 0.74
N ALA A 164 -22.64 -20.06 1.68
CA ALA A 164 -21.57 -19.05 1.39
C ALA A 164 -20.37 -19.70 0.73
N LYS A 165 -20.09 -20.97 1.07
CA LYS A 165 -19.05 -21.75 0.36
C LYS A 165 -19.17 -21.73 -1.20
N TYR A 166 -20.39 -21.62 -1.73
CA TYR A 166 -20.67 -21.57 -3.19
C TYR A 166 -21.22 -20.19 -3.55
N GLY A 167 -20.93 -19.19 -2.72
CA GLY A 167 -21.35 -17.84 -3.04
C GLY A 167 -22.83 -17.56 -3.15
N THR A 168 -23.64 -18.29 -2.37
CA THR A 168 -25.11 -18.10 -2.36
C THR A 168 -25.59 -16.88 -1.52
N GLY A 169 -26.85 -16.45 -1.76
CA GLY A 169 -27.45 -15.47 -0.85
C GLY A 169 -27.27 -14.01 -1.23
N TYR A 170 -26.82 -13.69 -2.42
CA TYR A 170 -26.66 -12.25 -2.79
C TYR A 170 -27.98 -11.56 -2.69
N CYS A 171 -27.93 -10.35 -2.14
CA CYS A 171 -29.04 -9.48 -2.17
C CYS A 171 -28.41 -8.06 -2.30
N ASP A 172 -29.22 -7.13 -2.74
CA ASP A 172 -28.82 -5.74 -2.65
C ASP A 172 -30.07 -4.83 -2.74
N ALA A 173 -29.85 -3.52 -2.86
CA ALA A 173 -30.97 -2.57 -2.68
C ALA A 173 -31.74 -2.44 -3.98
N GLN A 174 -31.30 -3.18 -5.01
CA GLN A 174 -32.02 -3.16 -6.30
C GLN A 174 -33.15 -4.22 -6.34
N CYS A 175 -33.21 -5.04 -5.30
CA CYS A 175 -34.15 -6.14 -5.27
C CYS A 175 -34.09 -6.94 -6.62
N PRO A 176 -32.88 -7.39 -7.01
CA PRO A 176 -32.63 -7.96 -8.34
C PRO A 176 -33.44 -9.20 -8.61
N HIS A 177 -34.14 -9.25 -9.74
CA HIS A 177 -34.89 -10.46 -10.09
C HIS A 177 -34.02 -11.44 -10.91
N ASP A 178 -32.77 -11.05 -11.20
CA ASP A 178 -31.92 -11.88 -12.09
C ASP A 178 -31.16 -12.97 -11.35
N MET A 179 -31.27 -12.97 -10.02
CA MET A 179 -30.75 -14.08 -9.19
C MET A 179 -31.48 -15.41 -9.49
N LYS A 180 -30.69 -16.45 -9.80
CA LYS A 180 -31.18 -17.78 -10.17
C LYS A 180 -31.64 -18.56 -8.93
N PHE A 181 -31.11 -18.16 -7.77
CA PHE A 181 -31.48 -18.79 -6.50
C PHE A 181 -31.76 -17.72 -5.49
N ILE A 182 -32.97 -17.74 -4.90
CA ILE A 182 -33.35 -16.77 -3.86
C ILE A 182 -34.00 -17.53 -2.73
N ALA A 183 -33.67 -17.22 -1.49
CA ALA A 183 -34.27 -17.96 -0.35
C ALA A 183 -34.16 -19.47 -0.53
N GLY A 184 -33.00 -19.90 -1.03
CA GLY A 184 -32.70 -21.31 -1.16
C GLY A 184 -33.42 -22.00 -2.31
N LYS A 185 -34.24 -21.29 -3.08
CA LYS A 185 -35.04 -21.92 -4.16
C LYS A 185 -34.64 -21.36 -5.52
N ALA A 186 -34.70 -22.22 -6.57
CA ALA A 186 -34.51 -21.77 -7.91
C ALA A 186 -35.59 -20.74 -8.18
N ASN A 187 -35.22 -19.63 -8.82
CA ASN A 187 -36.14 -18.49 -9.07
C ASN A 187 -36.66 -18.65 -10.50
N SER A 188 -37.10 -19.88 -10.84
CA SER A 188 -37.45 -20.25 -12.18
C SER A 188 -38.93 -19.99 -12.53
N ASP A 189 -39.77 -19.73 -11.54
CA ASP A 189 -41.18 -19.37 -11.80
C ASP A 189 -41.27 -17.99 -12.43
N GLY A 190 -42.03 -17.91 -13.52
CA GLY A 190 -42.24 -16.67 -14.27
C GLY A 190 -40.97 -16.15 -14.92
N TRP A 191 -39.98 -17.02 -15.17
CA TRP A 191 -38.72 -16.60 -15.76
C TRP A 191 -38.91 -15.98 -17.16
N THR A 192 -38.34 -14.79 -17.37
CA THR A 192 -38.35 -14.18 -18.75
C THR A 192 -36.91 -13.96 -19.11
N PRO A 193 -36.49 -14.44 -20.28
CA PRO A 193 -35.09 -14.18 -20.64
C PRO A 193 -34.86 -12.70 -20.94
N SER A 194 -33.64 -12.22 -20.83
CA SER A 194 -33.38 -10.83 -21.17
C SER A 194 -33.41 -10.62 -22.72
N ASP A 195 -33.93 -9.51 -23.27
CA ASP A 195 -33.77 -9.30 -24.75
C ASP A 195 -32.36 -8.87 -25.11
N ASN A 196 -31.67 -8.37 -24.10
CA ASN A 196 -30.50 -7.57 -24.18
C ASN A 196 -29.21 -8.30 -23.76
N ASP A 197 -29.33 -9.35 -22.95
CA ASP A 197 -28.19 -10.00 -22.33
C ASP A 197 -28.38 -11.51 -22.42
N GLN A 198 -27.54 -12.17 -23.18
CA GLN A 198 -27.82 -13.55 -23.53
C GLN A 198 -27.62 -14.51 -22.35
N ASN A 199 -27.05 -14.03 -21.26
CA ASN A 199 -26.90 -14.88 -20.06
C ASN A 199 -27.92 -14.72 -18.95
N ALA A 200 -28.78 -13.72 -19.07
CA ALA A 200 -29.57 -13.21 -17.97
C ALA A 200 -31.05 -13.29 -18.27
N GLY A 201 -31.83 -13.38 -17.19
CA GLY A 201 -33.26 -13.30 -17.27
C GLY A 201 -33.77 -12.72 -15.97
N THR A 202 -35.06 -12.80 -15.73
CA THR A 202 -35.65 -12.34 -14.49
C THR A 202 -36.78 -13.26 -14.10
N GLY A 203 -36.74 -13.67 -12.83
CA GLY A 203 -37.77 -14.47 -12.21
C GLY A 203 -38.74 -13.64 -11.32
N GLU A 204 -39.75 -14.31 -10.81
CA GLU A 204 -40.75 -13.64 -10.02
C GLU A 204 -40.22 -13.00 -8.70
N MET A 205 -39.20 -13.62 -8.08
CA MET A 205 -38.64 -13.20 -6.80
CA MET A 205 -38.68 -13.18 -6.82
C MET A 205 -37.48 -12.27 -7.07
N GLY A 206 -37.25 -11.39 -6.12
CA GLY A 206 -36.10 -10.50 -6.09
C GLY A 206 -35.47 -10.65 -4.71
N ALA A 207 -34.20 -10.26 -4.56
CA ALA A 207 -33.52 -10.49 -3.29
C ALA A 207 -33.10 -9.13 -2.73
N CYS A 208 -33.83 -8.61 -1.75
CA CYS A 208 -33.60 -7.26 -1.24
C CYS A 208 -32.75 -7.28 0.02
N CYS A 209 -31.88 -6.29 0.11
CA CYS A 209 -31.26 -5.88 1.35
C CYS A 209 -30.52 -4.57 1.28
N HIS A 210 -30.28 -3.99 2.43
CA HIS A 210 -29.43 -2.78 2.56
C HIS A 210 -28.12 -2.90 1.81
N GLU A 211 -27.67 -1.76 1.32
CA GLU A 211 -26.46 -1.75 0.52
C GLU A 211 -25.70 -0.45 0.76
N MET A 212 -24.42 -0.59 1.10
CA MET A 212 -23.52 0.55 1.26
C MET A 212 -22.47 0.50 0.16
N ASP A 213 -22.63 1.37 -0.84
CA ASP A 213 -21.70 1.36 -1.96
C ASP A 213 -20.54 2.31 -1.66
N ILE A 214 -19.40 1.72 -1.43
CA ILE A 214 -18.21 2.51 -1.17
C ILE A 214 -17.63 3.10 -2.42
N TRP A 215 -17.75 2.38 -3.55
CA TRP A 215 -17.04 2.77 -4.72
C TRP A 215 -17.72 2.18 -5.91
N GLU A 216 -18.33 3.03 -6.68
CA GLU A 216 -18.80 2.71 -8.01
C GLU A 216 -18.10 3.63 -8.94
N ALA A 217 -17.40 3.05 -9.90
CA ALA A 217 -16.48 3.88 -10.67
C ALA A 217 -15.93 3.24 -11.91
N ASN A 218 -15.61 4.11 -12.88
CA ASN A 218 -14.72 3.81 -13.94
C ASN A 218 -13.68 4.94 -13.98
N SER A 219 -12.95 5.02 -15.07
CA SER A 219 -11.88 5.98 -15.21
C SER A 219 -12.48 7.41 -15.37
N GLN A 220 -13.77 7.51 -15.65
CA GLN A 220 -14.39 8.80 -15.92
C GLN A 220 -15.19 9.44 -14.79
N ALA A 221 -15.76 8.65 -13.87
CA ALA A 221 -16.66 9.18 -12.83
C ALA A 221 -16.65 8.16 -11.69
N GLN A 222 -17.02 8.61 -10.47
CA GLN A 222 -17.09 7.74 -9.29
C GLN A 222 -18.13 8.27 -8.32
N SER A 223 -18.71 7.36 -7.52
CA SER A 223 -19.72 7.75 -6.56
CA SER A 223 -19.68 7.76 -6.55
C SER A 223 -19.63 6.79 -5.40
N TYR A 224 -20.16 7.24 -4.26
CA TYR A 224 -20.42 6.36 -3.15
C TYR A 224 -21.81 6.72 -2.59
N THR A 225 -22.52 5.66 -2.22
CA THR A 225 -23.98 5.72 -2.08
C THR A 225 -24.47 4.84 -0.98
N ALA A 226 -25.29 5.42 -0.09
CA ALA A 226 -25.95 4.64 0.94
C ALA A 226 -27.36 4.26 0.49
N HIS A 227 -27.74 2.97 0.57
CA HIS A 227 -29.11 2.55 0.17
C HIS A 227 -29.68 1.87 1.41
N VAL A 228 -30.78 2.38 1.94
CA VAL A 228 -31.37 1.75 3.12
C VAL A 228 -32.69 1.06 2.70
N CYS A 229 -33.02 -0.06 3.34
CA CYS A 229 -34.29 -0.70 3.11
C CYS A 229 -35.15 -0.71 4.40
N SER A 230 -36.46 -0.89 4.26
CA SER A 230 -37.30 -0.94 5.45
C SER A 230 -37.43 -2.38 5.97
N VAL A 231 -36.74 -3.34 5.36
CA VAL A 231 -36.87 -4.68 5.89
C VAL A 231 -35.55 -5.04 6.49
N ASP A 232 -35.55 -6.11 7.26
CA ASP A 232 -34.42 -6.43 8.08
C ASP A 232 -33.53 -7.51 7.44
N GLY A 233 -32.32 -7.14 6.97
CA GLY A 233 -31.40 -8.12 6.36
C GLY A 233 -31.93 -8.69 5.02
N TYR A 234 -31.45 -9.88 4.65
CA TYR A 234 -31.79 -10.55 3.41
C TYR A 234 -33.29 -10.82 3.34
N THR A 235 -33.96 -10.28 2.33
CA THR A 235 -35.43 -10.32 2.26
C THR A 235 -35.90 -10.60 0.82
N PRO A 236 -36.37 -11.81 0.59
CA PRO A 236 -37.01 -12.18 -0.67
C PRO A 236 -38.32 -11.36 -0.83
N CYS A 237 -38.61 -10.95 -2.04
CA CYS A 237 -39.69 -10.01 -2.31
C CYS A 237 -40.37 -10.50 -3.55
N THR A 238 -41.68 -10.21 -3.66
CA THR A 238 -42.34 -10.37 -4.96
C THR A 238 -43.22 -9.14 -5.20
N GLY A 239 -43.70 -9.01 -6.42
CA GLY A 239 -44.67 -7.96 -6.68
C GLY A 239 -44.17 -6.57 -6.34
N THR A 240 -45.10 -5.74 -5.82
CA THR A 240 -44.81 -4.34 -5.53
C THR A 240 -43.67 -4.16 -4.49
N ASP A 241 -43.53 -5.11 -3.54
CA ASP A 241 -42.42 -5.06 -2.57
C ASP A 241 -41.04 -4.95 -3.23
N CYS A 242 -40.87 -5.51 -4.46
CA CYS A 242 -39.58 -5.41 -5.17
C CYS A 242 -39.24 -4.02 -5.65
N GLY A 243 -40.23 -3.12 -5.75
CA GLY A 243 -40.00 -1.79 -6.30
C GLY A 243 -39.34 -1.75 -7.66
N ASP A 244 -39.83 -2.59 -8.59
CA ASP A 244 -39.27 -2.75 -9.93
C ASP A 244 -39.10 -1.40 -10.67
N ASN A 245 -38.07 -1.35 -11.53
CA ASN A 245 -37.81 -0.14 -12.31
C ASN A 245 -39.10 0.24 -13.00
N GLY A 246 -39.32 1.53 -13.24
CA GLY A 246 -40.60 2.00 -13.82
C GLY A 246 -41.52 2.58 -12.76
N ASP A 247 -42.81 2.35 -12.87
CA ASP A 247 -43.82 2.93 -11.96
C ASP A 247 -43.71 2.45 -10.49
N ASP A 248 -43.09 1.30 -10.25
CA ASP A 248 -43.02 0.78 -8.91
C ASP A 248 -41.75 1.22 -8.20
N ARG A 249 -40.89 1.98 -8.89
CA ARG A 249 -39.53 2.26 -8.39
C ARG A 249 -39.55 2.67 -6.95
N TYR A 250 -40.50 3.53 -6.59
CA TYR A 250 -40.51 4.04 -5.21
C TYR A 250 -41.51 3.36 -4.29
N LYS A 251 -42.07 2.22 -4.70
CA LYS A 251 -43.09 1.58 -3.88
C LYS A 251 -42.65 0.29 -3.19
N GLY A 252 -41.35 -0.02 -3.22
CA GLY A 252 -40.87 -1.33 -2.73
C GLY A 252 -40.25 -1.14 -1.37
N VAL A 253 -39.53 -2.14 -0.88
CA VAL A 253 -38.98 -2.11 0.45
C VAL A 253 -37.57 -1.52 0.44
N CYS A 254 -36.96 -1.38 -0.74
CA CYS A 254 -35.61 -0.79 -0.77
C CYS A 254 -35.51 0.51 -1.60
N ASP A 255 -34.60 1.37 -1.19
CA ASP A 255 -34.29 2.60 -1.94
C ASP A 255 -33.35 2.32 -3.14
N LYS A 256 -33.87 2.25 -4.36
CA LYS A 256 -33.00 1.93 -5.54
C LYS A 256 -32.03 3.09 -5.86
N ASP A 257 -32.45 4.35 -5.64
CA ASP A 257 -31.55 5.44 -5.99
C ASP A 257 -30.40 5.56 -4.99
N GLY A 258 -30.75 5.52 -3.70
CA GLY A 258 -29.77 5.61 -2.62
C GLY A 258 -29.55 7.08 -2.35
N CYS A 259 -28.87 7.38 -1.27
CA CYS A 259 -28.37 8.74 -1.11
C CYS A 259 -26.89 8.77 -1.62
N ASP A 260 -26.73 9.33 -2.82
CA ASP A 260 -25.49 9.25 -3.59
C ASP A 260 -24.65 10.52 -3.45
N TYR A 261 -23.35 10.34 -3.32
CA TYR A 261 -22.45 11.46 -3.32
C TYR A 261 -21.54 11.23 -4.49
N ALA A 262 -21.77 11.93 -5.61
CA ALA A 262 -20.98 11.67 -6.83
C ALA A 262 -20.36 13.03 -7.24
N ALA A 263 -19.04 13.19 -7.05
CA ALA A 263 -18.45 14.50 -7.20
C ALA A 263 -18.82 15.30 -8.49
N TYR A 264 -18.79 14.63 -9.65
CA TYR A 264 -19.01 15.29 -10.91
C TYR A 264 -20.43 15.84 -10.94
N ARG A 265 -21.40 14.99 -10.55
CA ARG A 265 -22.83 15.39 -10.53
C ARG A 265 -23.08 16.54 -9.55
N LEU A 266 -22.18 16.70 -8.59
CA LEU A 266 -22.32 17.72 -7.57
C LEU A 266 -21.54 18.99 -7.94
N GLY A 267 -21.12 19.12 -9.19
CA GLY A 267 -20.57 20.34 -9.77
C GLY A 267 -19.06 20.39 -9.64
N GLN A 268 -18.43 19.25 -9.43
CA GLN A 268 -16.95 19.21 -9.35
C GLN A 268 -16.36 18.41 -10.49
N HIS A 269 -16.16 19.05 -11.65
CA HIS A 269 -15.86 18.26 -12.82
C HIS A 269 -14.42 17.73 -12.92
N ASP A 270 -13.43 18.46 -12.40
CA ASP A 270 -12.09 17.91 -12.52
C ASP A 270 -11.48 17.32 -11.29
N PHE A 271 -12.33 17.01 -10.31
CA PHE A 271 -11.90 16.41 -9.09
C PHE A 271 -11.33 15.03 -9.38
N TYR A 272 -12.08 14.22 -10.13
CA TYR A 272 -11.69 12.88 -10.44
C TYR A 272 -11.81 12.61 -11.93
N GLY A 273 -10.81 11.92 -12.47
CA GLY A 273 -10.80 11.57 -13.89
C GLY A 273 -9.40 11.62 -14.45
N GLU A 274 -9.31 11.59 -15.78
CA GLU A 274 -8.03 11.71 -16.50
C GLU A 274 -7.35 13.01 -16.12
N GLY A 275 -6.20 12.87 -15.47
CA GLY A 275 -5.47 14.02 -14.98
C GLY A 275 -6.28 14.87 -14.01
N GLY A 276 -7.29 14.32 -13.32
CA GLY A 276 -8.02 15.15 -12.34
C GLY A 276 -7.20 15.37 -11.10
N THR A 277 -7.77 16.00 -10.08
CA THR A 277 -7.11 16.21 -8.75
C THR A 277 -6.77 14.85 -8.15
N VAL A 278 -7.75 13.95 -8.28
CA VAL A 278 -7.52 12.57 -8.07
C VAL A 278 -7.48 11.98 -9.50
N ASP A 279 -6.35 11.40 -9.90
CA ASP A 279 -6.10 10.99 -11.28
C ASP A 279 -6.41 9.53 -11.44
N SER A 280 -7.43 9.24 -12.25
CA SER A 280 -7.85 7.85 -12.44
C SER A 280 -6.85 7.06 -13.29
N GLY A 281 -5.79 7.71 -13.81
CA GLY A 281 -4.79 7.06 -14.67
C GLY A 281 -3.91 6.12 -13.84
N SER A 282 -4.01 6.28 -12.53
CA SER A 282 -3.10 5.66 -11.63
C SER A 282 -3.81 5.07 -10.37
N THR A 283 -3.23 4.07 -9.69
CA THR A 283 -3.78 3.64 -8.40
C THR A 283 -4.04 4.80 -7.39
N LEU A 284 -5.15 4.69 -6.68
CA LEU A 284 -5.50 5.65 -5.62
C LEU A 284 -6.00 4.93 -4.41
N THR A 285 -5.87 5.59 -3.26
CA THR A 285 -6.45 5.10 -2.02
C THR A 285 -7.76 5.77 -1.73
N VAL A 286 -8.76 4.95 -1.44
CA VAL A 286 -10.09 5.48 -1.16
C VAL A 286 -10.36 5.16 0.34
N ILE A 287 -10.60 6.17 1.15
CA ILE A 287 -10.76 5.99 2.64
C ILE A 287 -12.15 6.50 3.02
N THR A 288 -12.91 5.68 3.75
CA THR A 288 -14.25 6.00 4.10
C THR A 288 -14.41 5.82 5.63
N GLN A 289 -15.00 6.86 6.22
CA GLN A 289 -15.11 6.93 7.71
C GLN A 289 -16.59 6.97 8.07
N PHE A 290 -17.03 6.01 8.88
CA PHE A 290 -18.43 5.97 9.35
C PHE A 290 -18.54 6.56 10.74
N ILE A 291 -18.84 7.84 10.72
CA ILE A 291 -18.83 8.62 11.96
C ILE A 291 -20.16 8.58 12.71
N THR A 292 -20.05 8.44 14.04
CA THR A 292 -21.24 8.20 14.88
C THR A 292 -21.35 9.35 15.88
N GLY A 293 -22.56 9.58 16.35
CA GLY A 293 -22.91 10.52 17.40
C GLY A 293 -23.84 9.70 18.27
N GLY A 294 -23.57 9.59 19.58
CA GLY A 294 -24.40 8.75 20.43
C GLY A 294 -24.53 7.31 19.92
N GLY A 295 -23.49 6.81 19.30
CA GLY A 295 -23.51 5.38 18.85
C GLY A 295 -24.27 5.16 17.57
N GLY A 296 -24.89 6.20 17.00
CA GLY A 296 -25.55 6.11 15.69
C GLY A 296 -24.78 6.83 14.58
N LEU A 297 -24.85 6.31 13.37
CA LEU A 297 -24.22 6.94 12.23
C LEU A 297 -24.82 8.30 11.99
N ASN A 298 -23.99 9.30 11.80
CA ASN A 298 -24.48 10.63 11.42
C ASN A 298 -23.69 11.20 10.27
N GLU A 299 -22.58 10.57 9.87
CA GLU A 299 -21.88 11.08 8.67
C GLU A 299 -21.03 10.00 8.00
N ILE A 300 -20.96 10.01 6.67
CA ILE A 300 -19.98 9.12 6.00
C ILE A 300 -19.01 10.01 5.21
N ARG A 301 -17.79 10.10 5.68
CA ARG A 301 -16.77 10.95 5.10
C ARG A 301 -15.85 10.16 4.19
N ARG A 302 -15.26 10.87 3.27
CA ARG A 302 -14.42 10.31 2.24
C ARG A 302 -13.14 11.12 2.18
N ILE A 303 -11.98 10.45 2.17
CA ILE A 303 -10.70 11.09 1.93
C ILE A 303 -9.99 10.25 0.86
N TYR A 304 -9.20 10.88 -0.01
CA TYR A 304 -8.39 10.17 -0.99
C TYR A 304 -6.90 10.36 -0.69
N GLN A 305 -6.10 9.33 -1.02
CA GLN A 305 -4.63 9.49 -1.07
C GLN A 305 -4.13 9.00 -2.41
N GLN A 306 -3.16 9.72 -2.93
CA GLN A 306 -2.54 9.36 -4.17
C GLN A 306 -1.18 10.11 -4.19
N GLY A 307 -0.10 9.38 -4.46
CA GLY A 307 1.25 10.00 -4.60
C GLY A 307 1.69 10.76 -3.36
N GLY A 308 1.29 10.22 -2.22
CA GLY A 308 1.63 10.81 -0.93
C GLY A 308 0.80 12.01 -0.62
N GLN A 309 -0.13 12.42 -1.47
CA GLN A 309 -0.97 13.54 -1.07
C GLN A 309 -2.25 13.04 -0.40
N THR A 310 -2.74 13.82 0.58
CA THR A 310 -4.08 13.57 1.18
C THR A 310 -5.03 14.57 0.52
N ILE A 311 -6.12 14.07 -0.06
CA ILE A 311 -7.00 14.91 -0.84
C ILE A 311 -8.38 14.78 -0.17
N GLN A 312 -8.87 15.88 0.40
CA GLN A 312 -10.20 15.92 1.05
C GLN A 312 -11.21 15.80 -0.04
N ASN A 313 -12.39 15.29 0.34
CA ASN A 313 -13.49 15.18 -0.60
C ASN A 313 -13.89 16.56 -1.15
N ALA A 314 -14.23 16.60 -2.43
CA ALA A 314 -14.68 17.82 -3.02
C ALA A 314 -16.12 18.16 -2.57
N ALA A 315 -16.34 19.41 -2.27
CA ALA A 315 -17.62 19.84 -1.72
C ALA A 315 -18.67 20.04 -2.84
N VAL A 316 -19.97 19.85 -2.51
CA VAL A 316 -21.05 20.32 -3.37
C VAL A 316 -20.79 21.77 -3.88
N ASN A 317 -20.96 22.01 -5.17
CA ASN A 317 -20.56 23.28 -5.84
C ASN A 317 -21.72 23.79 -6.67
N PHE A 318 -22.76 24.24 -5.95
CA PHE A 318 -23.92 24.94 -6.52
C PHE A 318 -24.15 26.21 -5.68
N PRO A 319 -23.24 27.20 -5.77
CA PRO A 319 -23.26 28.41 -4.91
C PRO A 319 -24.64 29.07 -4.86
N GLY A 320 -25.09 29.35 -3.63
CA GLY A 320 -26.41 29.96 -3.39
C GLY A 320 -27.58 29.04 -3.71
N ASP A 321 -27.33 27.77 -4.12
CA ASP A 321 -28.45 26.85 -4.33
C ASP A 321 -28.41 25.73 -3.30
N VAL A 322 -27.22 25.33 -2.91
CA VAL A 322 -27.07 24.20 -1.97
C VAL A 322 -25.82 24.50 -1.16
N ASP A 323 -25.89 24.32 0.15
CA ASP A 323 -24.69 24.41 1.01
C ASP A 323 -23.55 23.52 0.52
N PRO A 324 -22.31 23.99 0.71
CA PRO A 324 -21.13 23.20 0.39
C PRO A 324 -20.88 21.96 1.29
N TYR A 325 -21.84 21.04 1.43
CA TYR A 325 -21.55 19.75 2.06
C TYR A 325 -20.38 19.02 1.42
N ASP A 326 -19.74 18.14 2.17
CA ASP A 326 -18.66 17.40 1.56
C ASP A 326 -18.66 15.95 2.00
N SER A 327 -19.85 15.43 2.33
CA SER A 327 -19.98 14.10 2.95
C SER A 327 -21.43 13.70 2.92
N ILE A 328 -21.70 12.44 3.17
CA ILE A 328 -23.13 12.07 3.33
C ILE A 328 -23.57 12.30 4.76
N THR A 329 -24.55 13.17 4.89
CA THR A 329 -25.28 13.43 6.12
C THR A 329 -26.78 13.50 5.77
N GLU A 330 -27.60 13.54 6.81
CA GLU A 330 -29.03 13.66 6.64
C GLU A 330 -29.37 14.96 5.88
N ASP A 331 -28.77 16.07 6.30
CA ASP A 331 -29.09 17.35 5.67
C ASP A 331 -28.66 17.42 4.20
N PHE A 332 -27.46 16.87 3.89
CA PHE A 332 -27.05 16.69 2.49
C PHE A 332 -28.11 15.93 1.69
N CYS A 333 -28.53 14.76 2.16
CA CYS A 333 -29.43 13.97 1.33
C CYS A 333 -30.72 14.76 1.08
N VAL A 334 -31.23 15.42 2.12
CA VAL A 334 -32.47 16.16 2.02
C VAL A 334 -32.30 17.33 1.06
N ASP A 335 -31.28 18.15 1.28
CA ASP A 335 -31.13 19.36 0.40
C ASP A 335 -30.79 19.01 -1.02
N ILE A 336 -29.90 18.02 -1.23
CA ILE A 336 -29.51 17.75 -2.60
C ILE A 336 -30.68 17.15 -3.37
N LYS A 337 -31.46 16.25 -2.76
CA LYS A 337 -32.57 15.63 -3.48
C LYS A 337 -33.60 16.67 -3.84
N ARG A 338 -33.78 17.66 -2.97
CA ARG A 338 -34.69 18.74 -3.31
C ARG A 338 -34.20 19.47 -4.52
N TYR A 339 -32.89 19.76 -4.55
CA TYR A 339 -32.35 20.59 -5.58
C TYR A 339 -32.40 19.80 -6.89
N PHE A 340 -32.19 18.50 -6.80
CA PHE A 340 -32.16 17.69 -8.01
C PHE A 340 -33.50 17.16 -8.42
N GLY A 341 -34.54 17.55 -7.70
CA GLY A 341 -35.89 17.06 -7.89
C GLY A 341 -36.05 15.56 -7.71
N ASP A 342 -35.19 14.91 -6.90
CA ASP A 342 -35.23 13.45 -6.68
C ASP A 342 -36.17 13.14 -5.49
N THR A 343 -36.99 12.08 -5.62
CA THR A 343 -37.78 11.58 -4.52
C THR A 343 -36.84 11.13 -3.40
N ASN A 344 -37.04 11.63 -2.17
CA ASN A 344 -36.19 11.16 -1.08
C ASN A 344 -36.65 9.83 -0.51
N ASP A 345 -36.42 8.75 -1.26
CA ASP A 345 -36.76 7.40 -0.85
C ASP A 345 -35.84 6.96 0.31
N PHE A 346 -34.65 7.59 0.39
CA PHE A 346 -33.64 7.26 1.41
C PHE A 346 -34.31 7.55 2.75
N ASP A 347 -34.90 8.73 2.88
CA ASP A 347 -35.58 9.01 4.15
C ASP A 347 -36.86 8.20 4.35
N ALA A 348 -37.57 7.93 3.27
CA ALA A 348 -38.82 7.17 3.40
C ALA A 348 -38.58 5.77 3.96
N LYS A 349 -37.37 5.26 3.77
CA LYS A 349 -37.07 3.88 4.09
C LYS A 349 -36.31 3.72 5.39
N GLY A 350 -36.00 4.84 6.05
CA GLY A 350 -35.37 4.82 7.35
C GLY A 350 -34.29 5.88 7.54
N GLY A 351 -33.70 6.40 6.43
CA GLY A 351 -32.69 7.45 6.49
C GLY A 351 -31.44 7.03 7.26
N MET A 352 -30.75 8.03 7.83
CA MET A 352 -29.46 7.79 8.46
C MET A 352 -29.58 6.79 9.61
N SER A 353 -30.68 6.79 10.35
CA SER A 353 -30.66 5.78 11.46
C SER A 353 -31.04 4.37 11.04
N GLY A 354 -31.83 4.26 9.98
CA GLY A 354 -32.11 2.99 9.34
C GLY A 354 -30.78 2.42 8.84
N MET A 355 -29.97 3.27 8.22
CA MET A 355 -28.65 2.87 7.70
C MET A 355 -27.73 2.47 8.83
N SER A 356 -27.76 3.26 9.88
CA SER A 356 -26.95 2.94 11.02
C SER A 356 -27.26 1.55 11.59
N ASN A 357 -28.54 1.26 11.75
CA ASN A 357 -28.95 -0.01 12.33
C ASN A 357 -28.53 -1.15 11.37
N ALA A 358 -28.63 -0.87 10.09
CA ALA A 358 -28.11 -1.83 9.10
C ALA A 358 -26.62 -2.09 9.29
N LEU A 359 -25.84 -1.00 9.42
CA LEU A 359 -24.40 -1.17 9.60
C LEU A 359 -24.11 -1.91 10.86
N LYS A 360 -24.82 -1.57 11.90
CA LYS A 360 -24.66 -2.28 13.18
C LYS A 360 -24.88 -3.81 13.12
N LYS A 361 -25.76 -4.29 12.25
CA LYS A 361 -25.98 -5.72 12.13
C LYS A 361 -24.91 -6.44 11.28
N GLY A 362 -24.01 -5.68 10.61
CA GLY A 362 -22.87 -6.36 9.92
C GLY A 362 -23.19 -6.61 8.42
N MET A 363 -22.18 -6.47 7.58
CA MET A 363 -22.39 -6.56 6.10
C MET A 363 -21.32 -7.40 5.47
N VAL A 364 -21.62 -7.95 4.30
CA VAL A 364 -20.65 -8.67 3.54
C VAL A 364 -19.97 -7.76 2.50
N LEU A 365 -18.62 -7.90 2.40
CA LEU A 365 -17.88 -7.22 1.28
C LEU A 365 -17.98 -7.87 -0.14
N VAL A 366 -18.32 -7.05 -1.11
CA VAL A 366 -18.49 -7.43 -2.53
C VAL A 366 -17.56 -6.62 -3.46
N MET A 367 -16.91 -7.27 -4.41
CA MET A 367 -16.22 -6.56 -5.45
C MET A 367 -16.75 -7.08 -6.73
N SER A 368 -16.91 -6.20 -7.70
CA SER A 368 -17.61 -6.64 -8.90
CA SER A 368 -17.58 -6.65 -8.92
C SER A 368 -17.15 -5.83 -10.09
N LEU A 369 -17.31 -6.37 -11.28
CA LEU A 369 -16.96 -5.64 -12.52
C LEU A 369 -18.10 -5.99 -13.44
N TRP A 370 -18.80 -4.96 -13.93
CA TRP A 370 -20.00 -5.20 -14.73
C TRP A 370 -20.26 -4.02 -15.70
N ASP A 371 -21.10 -4.29 -16.69
CA ASP A 371 -21.78 -3.25 -17.45
C ASP A 371 -23.29 -3.26 -17.24
N ASP A 372 -23.97 -2.30 -17.87
CA ASP A 372 -25.29 -1.96 -17.41
C ASP A 372 -26.31 -2.15 -18.55
N HIS A 373 -27.05 -3.24 -18.53
CA HIS A 373 -27.98 -3.49 -19.66
C HIS A 373 -29.24 -2.65 -19.56
N TYR A 374 -29.48 -2.06 -18.42
CA TYR A 374 -30.66 -1.26 -18.22
C TYR A 374 -30.42 0.22 -18.65
N ALA A 375 -29.32 0.83 -18.22
CA ALA A 375 -29.17 2.28 -18.43
C ALA A 375 -27.77 2.67 -18.89
N ASN A 376 -27.05 1.71 -19.43
CA ASN A 376 -25.73 1.96 -20.02
C ASN A 376 -24.73 2.73 -19.13
N MET A 377 -24.94 2.66 -17.83
CA MET A 377 -24.05 3.31 -16.86
C MET A 377 -24.18 4.84 -17.01
N LEU A 378 -25.22 5.34 -17.71
CA LEU A 378 -25.26 6.81 -18.01
C LEU A 378 -25.48 7.63 -16.73
N TRP A 379 -26.14 7.00 -15.75
CA TRP A 379 -26.47 7.61 -14.47
C TRP A 379 -25.16 7.83 -13.67
N LEU A 380 -24.14 7.05 -14.00
CA LEU A 380 -22.80 7.27 -13.39
C LEU A 380 -21.86 8.25 -14.13
N ASP A 381 -21.86 8.21 -15.46
CA ASP A 381 -20.78 8.87 -16.19
C ASP A 381 -21.14 9.76 -17.36
N ALA A 382 -22.43 10.01 -17.58
CA ALA A 382 -22.83 10.73 -18.77
C ALA A 382 -23.86 11.78 -18.38
N THR A 383 -24.96 11.85 -19.10
CA THR A 383 -26.14 12.65 -18.71
C THR A 383 -27.30 11.65 -18.62
N TYR A 384 -28.11 11.82 -17.57
CA TYR A 384 -29.25 10.95 -17.30
C TYR A 384 -30.37 11.68 -16.59
N PRO A 385 -31.62 11.63 -17.13
CA PRO A 385 -32.05 10.96 -18.39
C PRO A 385 -31.35 11.66 -19.54
N VAL A 386 -31.25 11.02 -20.70
CA VAL A 386 -30.29 11.52 -21.70
C VAL A 386 -30.66 12.90 -22.27
N ASP A 387 -31.94 13.18 -22.35
CA ASP A 387 -32.39 14.44 -22.92
C ASP A 387 -32.71 15.48 -21.84
N SER A 388 -32.39 15.16 -20.59
CA SER A 388 -32.65 16.09 -19.46
C SER A 388 -31.63 17.25 -19.40
N THR A 389 -32.09 18.49 -19.15
CA THR A 389 -31.14 19.62 -19.06
C THR A 389 -31.19 20.35 -17.69
N GLU A 390 -31.80 19.73 -16.68
CA GLU A 390 -32.11 20.41 -15.43
C GLU A 390 -31.06 19.99 -14.40
N PRO A 391 -30.95 20.72 -13.27
CA PRO A 391 -29.83 20.39 -12.35
C PRO A 391 -29.78 18.89 -11.95
N GLY A 392 -28.60 18.27 -11.90
CA GLY A 392 -28.53 16.83 -11.51
C GLY A 392 -28.58 15.84 -12.68
N ALA A 393 -29.00 16.30 -13.86
CA ALA A 393 -28.97 15.44 -15.06
C ALA A 393 -27.54 15.08 -15.43
N LEU A 394 -26.67 16.10 -15.50
CA LEU A 394 -25.27 15.86 -15.84
C LEU A 394 -24.48 15.05 -14.76
N ARG A 395 -23.89 13.93 -15.18
CA ARG A 395 -23.26 13.00 -14.22
C ARG A 395 -21.76 12.85 -14.46
N GLY A 396 -21.34 12.91 -15.69
CA GLY A 396 -19.95 12.71 -16.00
C GLY A 396 -19.62 13.21 -17.39
N PRO A 397 -18.36 13.03 -17.77
CA PRO A 397 -17.90 13.58 -19.05
C PRO A 397 -18.26 12.72 -20.30
N CYS A 398 -18.84 11.52 -20.14
CA CYS A 398 -19.10 10.60 -21.28
C CYS A 398 -20.28 10.98 -22.18
N SER A 399 -20.27 10.45 -23.39
CA SER A 399 -21.33 10.69 -24.34
C SER A 399 -22.64 9.96 -23.90
N THR A 400 -23.79 10.56 -24.17
CA THR A 400 -25.04 9.79 -23.98
C THR A 400 -25.17 8.58 -24.91
N ASP A 401 -24.23 8.43 -25.84
CA ASP A 401 -24.23 7.26 -26.70
C ASP A 401 -23.27 6.18 -26.19
N SER A 402 -22.64 6.42 -25.05
CA SER A 402 -21.61 5.51 -24.54
C SER A 402 -22.27 4.39 -23.74
N GLY A 403 -21.53 3.34 -23.42
CA GLY A 403 -22.00 2.33 -22.52
C GLY A 403 -22.96 1.25 -22.94
N ASP A 404 -23.32 1.14 -24.22
CA ASP A 404 -24.16 0.04 -24.61
C ASP A 404 -23.38 -1.26 -24.40
N PRO A 405 -23.92 -2.26 -23.68
CA PRO A 405 -23.08 -3.46 -23.40
C PRO A 405 -22.56 -4.11 -24.66
N ALA A 406 -23.39 -4.13 -25.71
CA ALA A 406 -22.92 -4.71 -26.99
C ALA A 406 -21.67 -3.96 -27.51
N ASP A 407 -21.65 -2.63 -27.40
CA ASP A 407 -20.44 -1.90 -27.84
C ASP A 407 -19.21 -2.13 -26.97
N VAL A 408 -19.33 -1.82 -25.67
CA VAL A 408 -18.21 -1.93 -24.77
C VAL A 408 -17.69 -3.36 -24.70
N GLU A 409 -18.57 -4.36 -24.79
CA GLU A 409 -18.12 -5.78 -24.78
C GLU A 409 -17.25 -6.09 -26.00
N ALA A 410 -17.61 -5.52 -27.15
CA ALA A 410 -16.83 -5.74 -28.40
C ALA A 410 -15.60 -4.89 -28.51
N ASN A 411 -15.66 -3.67 -27.99
CA ASN A 411 -14.56 -2.73 -28.09
C ASN A 411 -13.54 -2.69 -26.96
N PHE A 412 -13.94 -3.03 -25.73
CA PHE A 412 -13.00 -2.97 -24.61
C PHE A 412 -13.05 -4.24 -23.81
N PRO A 413 -12.97 -5.38 -24.48
CA PRO A 413 -13.08 -6.63 -23.81
C PRO A 413 -11.96 -6.85 -22.80
N GLY A 414 -10.79 -6.23 -22.99
CA GLY A 414 -9.65 -6.31 -22.09
C GLY A 414 -9.76 -5.47 -20.81
N SER A 415 -10.89 -4.79 -20.60
CA SER A 415 -11.02 -3.92 -19.42
C SER A 415 -10.80 -4.70 -18.11
N THR A 416 -10.21 -4.07 -17.09
CA THR A 416 -9.91 -4.79 -15.83
C THR A 416 -10.05 -3.78 -14.73
N VAL A 417 -10.19 -4.30 -13.51
CA VAL A 417 -10.04 -3.47 -12.32
C VAL A 417 -9.21 -4.26 -11.30
N THR A 418 -8.41 -3.52 -10.52
CA THR A 418 -7.57 -4.10 -9.46
C THR A 418 -7.85 -3.45 -8.16
N PHE A 419 -8.20 -4.27 -7.17
CA PHE A 419 -8.46 -3.80 -5.80
C PHE A 419 -7.31 -4.40 -4.96
N SER A 420 -6.84 -3.61 -3.97
CA SER A 420 -5.75 -4.09 -3.18
C SER A 420 -5.80 -3.43 -1.78
N ASN A 421 -5.09 -4.05 -0.85
CA ASN A 421 -4.87 -3.42 0.45
C ASN A 421 -6.15 -3.06 1.18
N ILE A 422 -7.09 -3.99 1.14
CA ILE A 422 -8.33 -3.82 1.92
C ILE A 422 -7.96 -3.76 3.40
N LYS A 423 -8.56 -2.80 4.06
CA LYS A 423 -8.24 -2.52 5.46
C LYS A 423 -9.39 -1.92 6.20
N ILE A 424 -9.56 -2.38 7.45
CA ILE A 424 -10.48 -1.76 8.35
C ILE A 424 -9.79 -1.46 9.68
N GLY A 425 -10.11 -0.35 10.30
CA GLY A 425 -9.44 0.05 11.58
C GLY A 425 -10.11 1.28 12.20
N PRO A 426 -9.54 1.83 13.28
CA PRO A 426 -10.17 2.99 13.94
C PRO A 426 -10.06 4.18 13.01
N ILE A 427 -10.91 5.18 13.20
CA ILE A 427 -10.98 6.35 12.38
C ILE A 427 -9.76 7.16 12.65
N GLN A 428 -9.05 7.54 11.59
CA GLN A 428 -7.76 8.18 11.82
C GLN A 428 -7.94 9.63 11.53
N SER A 429 -6.92 10.41 11.84
CA SER A 429 -6.98 11.82 11.61
C SER A 429 -6.16 12.11 10.38
N TYR A 430 -6.63 13.06 9.58
CA TYR A 430 -6.05 13.34 8.28
C TYR A 430 -5.53 14.73 7.93
N ASP A 431 -4.20 14.83 7.98
CA ASP A 431 -3.42 15.56 6.94
C ASP A 431 -2.34 14.69 6.31
N GLN B 2 23.49 11.03 -16.87
CA GLN B 2 22.38 11.89 -17.31
C GLN B 2 20.98 11.28 -17.03
N ALA B 3 19.94 12.13 -16.99
CA ALA B 3 18.57 11.71 -16.77
C ALA B 3 17.93 11.17 -18.05
N GLY B 4 17.16 10.08 -17.97
CA GLY B 4 16.38 9.60 -19.10
C GLY B 4 15.08 10.40 -19.22
N THR B 5 14.42 10.33 -20.36
CA THR B 5 13.17 11.07 -20.52
C THR B 5 11.93 10.16 -20.61
N GLU B 6 12.04 8.88 -20.28
CA GLU B 6 10.87 7.97 -20.44
C GLU B 6 9.75 8.33 -19.48
N THR B 7 10.13 8.64 -18.23
CA THR B 7 9.20 8.95 -17.14
C THR B 7 9.67 10.18 -16.39
N GLU B 8 8.78 11.15 -16.21
CA GLU B 8 9.15 12.34 -15.44
C GLU B 8 9.32 11.95 -13.93
N GLU B 9 10.29 12.59 -13.29
CA GLU B 9 10.59 12.30 -11.89
C GLU B 9 9.53 12.89 -10.98
N TYR B 10 9.16 12.11 -9.96
CA TYR B 10 8.24 12.50 -8.93
C TYR B 10 8.85 12.28 -7.59
N HIS B 11 8.95 13.32 -6.80
CA HIS B 11 9.40 13.15 -5.42
C HIS B 11 8.21 12.97 -4.48
N LEU B 12 8.29 11.96 -3.63
CA LEU B 12 7.11 11.62 -2.81
C LEU B 12 6.99 12.64 -1.65
N PRO B 13 5.86 13.36 -1.52
CA PRO B 13 5.74 14.38 -0.44
C PRO B 13 5.88 13.79 0.97
N LEU B 14 6.50 14.56 1.86
CA LEU B 14 6.63 14.20 3.26
C LEU B 14 6.78 15.47 4.08
N THR B 15 5.97 15.59 5.12
CA THR B 15 6.06 16.73 6.02
C THR B 15 6.99 16.47 7.20
N TRP B 16 7.76 17.47 7.64
CA TRP B 16 8.59 17.26 8.82
C TRP B 16 8.65 18.59 9.59
N GLU B 17 9.39 18.65 10.68
CA GLU B 17 9.30 19.85 11.58
C GLU B 17 10.70 20.40 11.77
N ARG B 18 10.90 21.63 11.33
CA ARG B 18 12.21 22.21 11.45
C ARG B 18 12.10 23.43 12.35
N ASP B 19 12.75 23.41 13.50
CA ASP B 19 12.87 24.61 14.38
C ASP B 19 11.51 25.14 14.71
N GLY B 20 10.56 24.27 14.93
CA GLY B 20 9.28 24.73 15.38
C GLY B 20 8.34 25.04 14.25
N SER B 21 8.72 24.90 12.97
CA SER B 21 7.77 25.01 11.83
C SER B 21 7.59 23.73 11.00
N SER B 22 6.38 23.55 10.46
CA SER B 22 6.11 22.45 9.53
CA SER B 22 6.11 22.46 9.55
C SER B 22 6.70 22.78 8.21
N VAL B 23 7.35 21.79 7.60
CA VAL B 23 7.96 21.96 6.30
C VAL B 23 7.35 20.91 5.38
N SER B 24 6.79 21.34 4.26
CA SER B 24 6.18 20.36 3.37
C SER B 24 7.22 20.03 2.41
N ALA B 25 7.89 18.90 2.57
CA ALA B 25 9.03 18.58 1.70
C ALA B 25 8.74 17.30 0.88
N SER B 26 9.78 16.54 0.54
CA SER B 26 9.57 15.31 -0.19
C SER B 26 10.82 14.44 -0.08
N VAL B 27 10.75 13.23 -0.61
CA VAL B 27 11.91 12.37 -0.66
C VAL B 27 12.09 11.88 -2.08
N VAL B 28 13.30 11.40 -2.38
CA VAL B 28 13.67 10.91 -3.71
C VAL B 28 14.39 9.57 -3.53
N ILE B 29 14.22 8.69 -4.50
CA ILE B 29 14.82 7.39 -4.51
C ILE B 29 16.30 7.48 -4.92
N ASP B 30 17.18 6.80 -4.21
CA ASP B 30 18.58 6.71 -4.56
C ASP B 30 18.72 6.22 -6.00
N SER B 31 19.64 6.83 -6.75
CA SER B 31 19.83 6.49 -8.18
C SER B 31 20.09 4.98 -8.40
N ASN B 32 20.67 4.31 -7.40
CA ASN B 32 20.97 2.86 -7.54
C ASN B 32 19.72 2.01 -7.72
N TRP B 33 18.58 2.53 -7.28
CA TRP B 33 17.32 1.81 -7.43
C TRP B 33 16.64 2.12 -8.72
N ARG B 34 17.23 2.96 -9.59
CA ARG B 34 16.48 3.37 -10.79
C ARG B 34 16.84 2.51 -11.99
N TRP B 35 16.04 2.62 -13.02
CA TRP B 35 16.31 2.01 -14.32
C TRP B 35 17.43 2.77 -15.06
N THR B 36 18.48 2.04 -15.46
CA THR B 36 19.58 2.64 -16.27
C THR B 36 19.50 2.03 -17.69
N HIS B 37 19.24 2.89 -18.70
CA HIS B 37 18.95 2.41 -20.03
C HIS B 37 19.67 3.31 -21.00
N SER B 38 19.81 2.85 -22.24
CA SER B 38 20.38 3.63 -23.35
C SER B 38 19.62 4.96 -23.56
N THR B 39 20.35 6.02 -23.90
CA THR B 39 19.72 7.31 -24.19
C THR B 39 18.90 7.31 -25.48
N GLU B 40 19.06 6.27 -26.29
CA GLU B 40 18.42 6.21 -27.62
C GLU B 40 17.10 5.44 -27.64
N ASP B 41 16.91 4.56 -26.65
CA ASP B 41 15.74 3.71 -26.54
C ASP B 41 15.62 3.08 -25.15
N THR B 42 15.16 1.86 -25.13
CA THR B 42 14.66 1.24 -23.95
C THR B 42 15.60 0.10 -23.50
N THR B 43 16.66 -0.11 -24.26
CA THR B 43 17.64 -1.16 -23.96
C THR B 43 18.33 -0.89 -22.62
N ASN B 44 18.35 -1.86 -21.72
CA ASN B 44 18.99 -1.67 -20.43
C ASN B 44 20.48 -1.51 -20.54
N CYS B 45 21.06 -0.49 -19.90
CA CYS B 45 22.53 -0.45 -19.76
C CYS B 45 23.01 -1.38 -18.64
N TYR B 46 22.20 -1.49 -17.62
CA TYR B 46 22.49 -2.34 -16.48
C TYR B 46 21.33 -3.34 -16.51
N ASP B 47 21.66 -4.57 -16.74
CA ASP B 47 20.70 -5.60 -17.08
C ASP B 47 20.98 -6.74 -16.11
N GLY B 48 20.09 -6.96 -15.13
CA GLY B 48 20.26 -7.99 -14.07
C GLY B 48 21.30 -7.54 -13.07
N ASN B 49 22.49 -8.08 -13.15
CA ASN B 49 23.56 -7.55 -12.34
C ASN B 49 24.88 -7.31 -13.09
N GLU B 50 24.74 -7.11 -14.41
CA GLU B 50 25.88 -6.77 -15.26
C GLU B 50 25.51 -5.65 -16.23
N TRP B 51 26.54 -4.88 -16.63
CA TRP B 51 26.36 -3.84 -17.62
C TRP B 51 26.34 -4.44 -19.00
N ASP B 52 25.63 -3.81 -19.91
CA ASP B 52 25.59 -4.29 -21.27
C ASP B 52 26.95 -4.11 -21.86
N SER B 53 27.57 -5.17 -22.37
CA SER B 53 28.92 -5.01 -22.83
C SER B 53 29.02 -4.17 -24.15
N THR B 54 27.96 -4.06 -24.93
CA THR B 54 28.04 -3.26 -26.17
C THR B 54 27.89 -1.77 -25.85
N LEU B 55 26.86 -1.39 -25.09
CA LEU B 55 26.67 0.03 -24.67
C LEU B 55 27.76 0.54 -23.73
N CYS B 56 28.31 -0.40 -22.95
CA CYS B 56 29.19 -0.07 -21.83
C CYS B 56 30.51 -0.79 -21.95
N PRO B 57 31.27 -0.50 -23.01
CA PRO B 57 32.56 -1.23 -23.11
C PRO B 57 33.62 -0.65 -22.17
N ASP B 58 33.44 0.58 -21.71
CA ASP B 58 34.32 1.18 -20.71
C ASP B 58 33.48 2.23 -20.01
N ALA B 59 34.01 2.77 -18.90
CA ALA B 59 33.21 3.61 -18.03
C ALA B 59 32.75 4.90 -18.74
N ASP B 60 33.67 5.54 -19.44
CA ASP B 60 33.37 6.78 -20.24
C ASP B 60 32.28 6.62 -21.35
N THR B 61 32.38 5.53 -22.12
CA THR B 61 31.36 5.25 -23.13
C THR B 61 30.03 4.89 -22.49
N CYS B 62 30.05 4.09 -21.44
CA CYS B 62 28.85 3.81 -20.63
C CYS B 62 28.14 5.08 -20.17
N THR B 63 28.92 5.98 -19.59
CA THR B 63 28.33 7.23 -19.10
C THR B 63 27.75 8.10 -20.23
N GLU B 64 28.41 8.11 -21.39
CA GLU B 64 27.86 8.84 -22.53
C GLU B 64 26.60 8.16 -23.02
N ASN B 65 26.51 6.82 -22.95
CA ASN B 65 25.40 6.11 -23.59
C ASN B 65 24.15 5.82 -22.75
N CYS B 66 24.25 6.00 -21.46
CA CYS B 66 23.28 5.52 -20.49
C CYS B 66 22.69 6.65 -19.65
N ALA B 67 21.44 6.46 -19.21
CA ALA B 67 20.68 7.49 -18.53
C ALA B 67 19.87 6.84 -17.44
N ILE B 68 19.58 7.55 -16.33
CA ILE B 68 18.81 6.97 -15.25
C ILE B 68 17.45 7.58 -15.33
N ASP B 69 16.42 6.73 -15.27
CA ASP B 69 15.10 7.33 -15.47
C ASP B 69 14.35 7.80 -14.20
N GLY B 70 13.30 8.59 -14.44
CA GLY B 70 12.38 9.10 -13.40
C GLY B 70 11.54 7.99 -12.75
N VAL B 71 11.09 8.24 -11.54
CA VAL B 71 10.12 7.32 -10.87
C VAL B 71 8.83 8.13 -10.80
N ASP B 72 7.77 7.71 -11.47
CA ASP B 72 6.55 8.50 -11.32
C ASP B 72 5.69 8.15 -10.09
N GLN B 73 4.62 8.95 -9.94
CA GLN B 73 3.67 8.80 -8.82
C GLN B 73 3.32 7.33 -8.49
N GLY B 74 2.90 6.54 -9.50
CA GLY B 74 2.40 5.18 -9.20
C GLY B 74 3.54 4.22 -8.92
N THR B 75 4.72 4.52 -9.44
CA THR B 75 5.85 3.58 -9.32
C THR B 75 6.35 3.48 -7.87
N TRP B 76 6.24 4.58 -7.15
CA TRP B 76 6.68 4.56 -5.74
C TRP B 76 6.03 3.39 -4.97
N GLY B 77 4.70 3.29 -5.07
CA GLY B 77 4.02 2.21 -4.36
C GLY B 77 4.13 0.91 -5.12
N ASP B 78 3.76 0.88 -6.40
CA ASP B 78 3.70 -0.37 -7.17
C ASP B 78 5.04 -1.12 -7.37
N THR B 79 6.16 -0.42 -7.49
CA THR B 79 7.42 -1.08 -7.71
C THR B 79 8.24 -1.10 -6.44
N TYR B 80 8.31 0.00 -5.72
CA TYR B 80 9.12 0.04 -4.50
C TYR B 80 8.46 -0.22 -3.17
N GLY B 81 7.12 -0.27 -3.14
CA GLY B 81 6.44 -0.50 -1.87
C GLY B 81 6.61 0.69 -0.91
N ILE B 82 6.82 1.90 -1.44
CA ILE B 82 6.99 3.05 -0.58
C ILE B 82 5.74 3.91 -0.59
N THR B 83 5.29 4.29 0.62
CA THR B 83 4.11 5.14 0.68
C THR B 83 4.31 6.20 1.75
N ALA B 84 3.59 7.32 1.61
CA ALA B 84 3.72 8.42 2.54
C ALA B 84 2.37 8.95 2.85
N SER B 85 2.19 9.39 4.08
CA SER B 85 0.96 10.00 4.50
C SER B 85 1.28 11.09 5.52
N GLY B 86 1.07 12.38 5.24
CA GLY B 86 1.39 13.39 6.26
C GLY B 86 2.88 13.36 6.62
N SER B 87 3.25 13.01 7.83
CA SER B 87 4.67 13.03 8.21
CA SER B 87 4.64 13.04 8.27
C SER B 87 5.18 11.62 8.39
N LYS B 88 4.41 10.67 7.83
CA LYS B 88 4.69 9.23 7.93
C LYS B 88 5.20 8.69 6.60
N LEU B 89 6.27 7.87 6.63
CA LEU B 89 6.87 7.18 5.49
C LEU B 89 7.06 5.73 5.85
N THR B 90 6.59 4.88 4.94
CA THR B 90 6.65 3.46 5.06
C THR B 90 7.48 2.88 3.91
N LEU B 91 8.43 2.02 4.28
CA LEU B 91 9.23 1.35 3.30
C LEU B 91 8.97 -0.13 3.43
N SER B 92 8.95 -0.79 2.28
CA SER B 92 8.79 -2.22 2.16
C SER B 92 10.07 -2.93 1.82
N PHE B 93 10.03 -4.24 2.04
CA PHE B 93 11.19 -5.10 1.83
C PHE B 93 11.08 -5.69 0.38
N VAL B 94 10.31 -6.76 0.18
CA VAL B 94 10.21 -7.39 -1.13
C VAL B 94 8.93 -6.88 -1.79
N THR B 95 9.01 -6.23 -2.95
CA THR B 95 7.78 -5.88 -3.68
C THR B 95 7.76 -6.55 -5.03
N GLU B 96 6.74 -7.36 -5.32
CA GLU B 96 6.60 -7.91 -6.68
C GLU B 96 6.05 -6.88 -7.66
N GLY B 97 6.91 -6.45 -8.58
CA GLY B 97 6.56 -5.32 -9.48
C GLY B 97 6.15 -5.85 -10.85
N GLU B 98 5.42 -5.05 -11.61
CA GLU B 98 5.11 -5.45 -12.99
C GLU B 98 6.37 -5.98 -13.74
N TYR B 99 7.44 -5.19 -13.75
CA TYR B 99 8.62 -5.53 -14.54
C TYR B 99 9.75 -6.22 -13.81
N SER B 100 9.64 -6.33 -12.47
CA SER B 100 10.70 -6.87 -11.64
C SER B 100 10.27 -6.92 -10.19
N THR B 101 11.16 -7.44 -9.37
CA THR B 101 10.95 -7.57 -7.96
C THR B 101 11.98 -6.68 -7.28
N ASP B 102 11.48 -5.76 -6.45
CA ASP B 102 12.38 -4.79 -5.84
C ASP B 102 12.65 -5.33 -4.45
N ILE B 103 13.89 -5.20 -3.99
CA ILE B 103 14.23 -5.56 -2.59
C ILE B 103 14.68 -4.29 -1.86
N GLY B 104 13.87 -3.82 -0.92
CA GLY B 104 14.22 -2.75 -0.03
C GLY B 104 14.33 -1.41 -0.80
N SER B 105 14.86 -0.39 -0.15
CA SER B 105 14.92 0.93 -0.81
C SER B 105 15.79 1.82 0.01
N ARG B 106 16.18 2.94 -0.60
CA ARG B 106 16.95 3.92 0.10
C ARG B 106 16.43 5.27 -0.48
N VAL B 107 15.98 6.15 0.40
CA VAL B 107 15.53 7.50 0.00
C VAL B 107 16.27 8.64 0.79
N PHE B 108 16.24 9.86 0.22
CA PHE B 108 16.81 11.06 0.78
C PHE B 108 15.78 12.15 0.91
N LEU B 109 15.92 12.88 2.00
CA LEU B 109 15.06 14.07 2.22
C LEU B 109 15.51 15.29 1.37
N MET B 110 14.56 15.85 0.62
CA MET B 110 14.83 16.89 -0.39
C MET B 110 14.49 18.24 0.23
N ALA B 111 15.23 19.29 -0.09
CA ALA B 111 14.93 20.65 0.32
C ALA B 111 14.02 21.32 -0.77
N ASP B 112 14.19 20.91 -2.04
CA ASP B 112 13.43 21.39 -3.22
C ASP B 112 13.68 20.37 -4.33
N ASP B 113 13.36 20.67 -5.58
CA ASP B 113 13.45 19.61 -6.62
C ASP B 113 14.89 19.24 -6.93
N ASP B 114 15.84 20.14 -6.67
CA ASP B 114 17.20 19.88 -7.10
C ASP B 114 18.26 19.73 -6.00
N ASN B 115 17.85 19.83 -4.75
CA ASN B 115 18.79 19.84 -3.65
C ASN B 115 18.30 19.02 -2.49
N TYR B 116 19.20 18.20 -1.93
CA TYR B 116 18.94 17.58 -0.67
C TYR B 116 18.76 18.62 0.46
N GLU B 117 17.93 18.27 1.46
CA GLU B 117 17.97 19.00 2.70
C GLU B 117 19.29 18.77 3.44
N ILE B 118 19.84 19.85 3.97
CA ILE B 118 21.11 19.79 4.71
C ILE B 118 20.89 20.04 6.15
N PHE B 119 21.31 19.08 7.00
CA PHE B 119 21.11 19.19 8.45
C PHE B 119 22.41 19.51 9.14
N ASN B 120 22.35 20.51 10.03
CA ASN B 120 23.52 20.90 10.86
C ASN B 120 23.12 20.51 12.27
N LEU B 121 23.59 19.33 12.68
CA LEU B 121 23.11 18.69 13.88
C LEU B 121 23.73 19.22 15.18
N LEU B 122 24.89 19.92 15.12
CA LEU B 122 25.65 20.24 16.34
C LEU B 122 24.79 21.13 17.19
N ASP B 123 24.69 20.79 18.47
CA ASP B 123 23.88 21.55 19.42
C ASP B 123 22.36 21.52 19.08
N LYS B 124 21.88 20.45 18.45
CA LYS B 124 20.47 20.34 18.16
C LYS B 124 20.03 18.99 18.67
N GLU B 125 18.73 18.81 18.74
CA GLU B 125 18.10 17.57 19.09
C GLU B 125 17.28 17.14 17.87
N PHE B 126 17.54 15.91 17.43
CA PHE B 126 16.89 15.33 16.26
C PHE B 126 16.03 14.19 16.80
N SER B 127 14.77 14.17 16.42
CA SER B 127 13.85 13.10 16.85
C SER B 127 12.94 12.63 15.69
N PHE B 128 12.40 11.41 15.87
CA PHE B 128 11.50 10.82 14.94
C PHE B 128 10.80 9.69 15.66
N ASP B 129 9.73 9.22 15.07
CA ASP B 129 9.07 8.01 15.62
C ASP B 129 9.35 6.87 14.68
N VAL B 130 9.51 5.65 15.22
CA VAL B 130 9.68 4.52 14.35
C VAL B 130 8.82 3.34 14.85
N ASP B 131 8.29 2.58 13.90
CA ASP B 131 7.66 1.33 14.21
C ASP B 131 8.49 0.25 13.53
N ALA B 132 9.22 -0.51 14.35
CA ALA B 132 10.16 -1.54 13.90
C ALA B 132 9.56 -2.90 14.14
N SER B 133 8.27 -2.97 14.52
CA SER B 133 7.65 -4.26 14.91
C SER B 133 7.62 -5.24 13.79
N ASN B 134 7.52 -4.76 12.56
CA ASN B 134 7.48 -5.65 11.42
C ASN B 134 8.85 -5.90 10.74
N LEU B 135 9.93 -5.80 11.51
CA LEU B 135 11.26 -6.06 11.01
C LEU B 135 11.86 -7.24 11.82
N PRO B 136 11.97 -8.39 11.24
CA PRO B 136 12.53 -9.54 11.98
C PRO B 136 14.07 -9.55 11.99
N CYS B 137 14.68 -10.54 12.66
CA CYS B 137 16.12 -10.76 12.55
C CYS B 137 16.53 -10.73 11.10
N GLY B 138 17.72 -10.14 10.84
CA GLY B 138 18.26 -10.07 9.51
C GLY B 138 17.82 -8.85 8.67
N LEU B 139 16.86 -8.05 9.15
CA LEU B 139 16.53 -6.79 8.48
C LEU B 139 17.04 -5.56 9.23
N ASN B 140 17.08 -4.42 8.53
CA ASN B 140 17.54 -3.20 9.14
C ASN B 140 16.74 -2.10 8.50
N GLY B 141 15.96 -1.39 9.31
CA GLY B 141 15.25 -0.18 8.87
C GLY B 141 16.12 0.94 9.48
N ALA B 142 16.86 1.63 8.64
CA ALA B 142 17.84 2.59 9.16
C ALA B 142 17.45 4.04 8.82
N LEU B 143 17.72 4.93 9.76
CA LEU B 143 17.67 6.38 9.56
C LEU B 143 19.05 6.88 9.90
N TYR B 144 19.62 7.66 9.00
CA TYR B 144 20.99 8.10 9.22
C TYR B 144 21.34 9.31 8.36
N PHE B 145 22.52 9.84 8.58
CA PHE B 145 23.01 11.02 7.90
C PHE B 145 24.37 10.72 7.31
N VAL B 146 24.57 11.25 6.08
CA VAL B 146 25.81 11.12 5.34
C VAL B 146 26.21 12.47 4.75
N SER B 147 27.52 12.63 4.58
CA SER B 147 28.15 13.84 4.00
C SER B 147 28.07 13.89 2.46
N MET B 148 26.89 13.66 1.90
CA MET B 148 26.66 13.74 0.49
C MET B 148 26.76 15.18 0.09
N ASP B 149 26.97 15.46 -1.20
CA ASP B 149 26.85 16.85 -1.70
C ASP B 149 25.39 17.28 -1.77
N GLU B 150 25.08 18.51 -1.44
CA GLU B 150 23.71 19.02 -1.42
C GLU B 150 23.04 18.89 -2.80
N ASP B 151 23.79 19.11 -3.82
CA ASP B 151 23.27 19.01 -5.23
C ASP B 151 23.45 17.62 -5.86
N GLY B 152 23.85 16.66 -5.03
CA GLY B 152 24.05 15.27 -5.48
C GLY B 152 25.21 15.10 -6.46
N GLY B 153 26.07 16.10 -6.56
CA GLY B 153 27.28 16.03 -7.42
C GLY B 153 27.29 16.90 -8.68
N THR B 154 26.21 17.62 -9.00
CA THR B 154 26.16 18.25 -10.31
C THR B 154 27.18 19.38 -10.51
N SER B 155 27.46 20.14 -9.47
CA SER B 155 28.35 21.30 -9.65
C SER B 155 29.76 20.84 -9.83
N LYS B 156 30.12 19.69 -9.26
CA LYS B 156 31.49 19.19 -9.29
C LYS B 156 31.83 18.19 -10.41
N TYR B 157 30.83 17.53 -10.98
CA TYR B 157 31.07 16.45 -11.96
C TYR B 157 30.17 16.64 -13.10
N SER B 158 30.69 17.17 -14.19
CA SER B 158 29.84 17.73 -15.24
C SER B 158 29.09 16.66 -16.04
N THR B 159 29.49 15.40 -15.90
CA THR B 159 28.77 14.27 -16.52
C THR B 159 27.60 13.80 -15.67
N ASN B 160 27.52 14.33 -14.46
CA ASN B 160 26.33 14.14 -13.67
C ASN B 160 25.42 15.31 -13.97
N THR B 161 24.48 15.14 -14.89
CA THR B 161 23.48 16.21 -15.07
C THR B 161 22.20 15.82 -14.40
N ALA B 162 22.11 14.65 -13.80
CA ALA B 162 20.84 14.26 -13.17
C ALA B 162 20.67 14.84 -11.75
N GLY B 163 21.72 14.74 -10.93
CA GLY B 163 21.79 15.45 -9.64
C GLY B 163 20.88 14.84 -8.57
N ALA B 164 20.76 15.55 -7.45
CA ALA B 164 19.88 15.21 -6.32
C ALA B 164 18.45 14.98 -6.81
N LYS B 165 18.03 15.62 -7.86
CA LYS B 165 16.67 15.38 -8.35
C LYS B 165 16.40 13.89 -8.70
N TYR B 166 17.45 13.20 -9.06
CA TYR B 166 17.48 11.74 -9.35
C TYR B 166 18.25 10.90 -8.31
N GLY B 167 18.36 11.45 -7.10
CA GLY B 167 18.98 10.73 -6.00
C GLY B 167 20.40 10.27 -6.27
N THR B 168 21.14 11.07 -7.01
CA THR B 168 22.58 10.76 -7.27
C THR B 168 23.47 11.11 -6.09
N GLY B 169 24.67 10.54 -6.15
CA GLY B 169 25.70 11.03 -5.26
C GLY B 169 25.73 10.41 -3.88
N TYR B 170 25.14 9.22 -3.73
CA TYR B 170 25.21 8.56 -2.41
C TYR B 170 26.65 8.21 -2.06
N CYS B 171 27.04 8.38 -0.79
CA CYS B 171 28.30 7.87 -0.29
C CYS B 171 27.99 7.49 1.19
N ASP B 172 28.78 6.60 1.76
CA ASP B 172 28.75 6.42 3.20
C ASP B 172 30.13 5.90 3.72
N ALA B 173 30.22 5.50 4.97
CA ALA B 173 31.48 5.22 5.61
C ALA B 173 31.94 3.79 5.31
N GLN B 174 31.14 3.02 4.55
CA GLN B 174 31.58 1.71 4.00
C GLN B 174 32.29 1.81 2.67
N CYS B 175 32.36 3.01 2.09
CA CYS B 175 33.02 3.24 0.79
C CYS B 175 32.51 2.23 -0.23
N PRO B 176 31.17 2.19 -0.45
CA PRO B 176 30.60 1.10 -1.20
C PRO B 176 30.93 1.12 -2.68
N HIS B 177 31.33 -0.03 -3.17
CA HIS B 177 31.62 -0.25 -4.59
C HIS B 177 30.35 -0.63 -5.39
N ASP B 178 29.22 -0.85 -4.72
CA ASP B 178 28.01 -1.27 -5.44
C ASP B 178 27.24 -0.11 -6.03
N MET B 179 27.76 1.10 -5.87
CA MET B 179 27.15 2.27 -6.52
C MET B 179 27.40 2.19 -8.06
N LYS B 180 26.33 2.29 -8.84
CA LYS B 180 26.41 2.22 -10.32
C LYS B 180 27.01 3.46 -10.93
N PHE B 181 26.79 4.58 -10.25
CA PHE B 181 27.38 5.88 -10.62
C PHE B 181 28.13 6.48 -9.44
N ILE B 182 29.35 6.98 -9.70
CA ILE B 182 30.18 7.59 -8.68
C ILE B 182 30.96 8.68 -9.42
N ALA B 183 31.00 9.85 -8.82
CA ALA B 183 31.72 10.97 -9.36
C ALA B 183 31.19 11.28 -10.75
N GLY B 184 29.88 11.13 -10.98
CA GLY B 184 29.33 11.50 -12.25
C GLY B 184 29.50 10.44 -13.33
N LYS B 185 30.21 9.37 -13.02
CA LYS B 185 30.48 8.35 -14.04
C LYS B 185 29.93 7.01 -13.67
N ALA B 186 29.67 6.22 -14.71
CA ALA B 186 29.24 4.86 -14.50
C ALA B 186 30.39 4.09 -13.83
N ASN B 187 30.10 3.22 -12.89
CA ASN B 187 31.16 2.47 -12.20
C ASN B 187 31.28 1.07 -12.81
N SER B 188 31.18 1.05 -14.15
CA SER B 188 31.19 -0.18 -14.94
C SER B 188 32.61 -0.77 -15.12
N ASP B 189 33.68 0.00 -14.94
CA ASP B 189 35.01 -0.60 -15.13
C ASP B 189 35.24 -1.56 -13.97
N GLY B 190 35.64 -2.79 -14.30
CA GLY B 190 35.99 -3.79 -13.30
C GLY B 190 34.73 -4.40 -12.68
N TRP B 191 33.57 -4.20 -13.28
CA TRP B 191 32.36 -4.67 -12.59
C TRP B 191 32.33 -6.19 -12.41
N THR B 192 32.10 -6.63 -11.19
CA THR B 192 31.83 -8.04 -10.91
C THR B 192 30.43 -8.22 -10.36
N PRO B 193 29.63 -9.11 -10.95
CA PRO B 193 28.34 -9.32 -10.35
C PRO B 193 28.42 -10.03 -9.00
N SER B 194 27.48 -9.75 -8.10
CA SER B 194 27.56 -10.37 -6.79
C SER B 194 27.11 -11.85 -6.88
N ASP B 195 27.70 -12.73 -6.08
CA ASP B 195 27.29 -14.14 -6.05
C ASP B 195 25.89 -14.36 -5.51
N ASN B 196 25.54 -13.63 -4.47
CA ASN B 196 24.30 -13.89 -3.81
C ASN B 196 23.26 -12.81 -3.92
N ASP B 197 23.53 -11.73 -4.62
CA ASP B 197 22.52 -10.70 -4.81
C ASP B 197 22.37 -10.47 -6.31
N GLN B 198 21.25 -10.91 -6.83
CA GLN B 198 20.98 -10.92 -8.23
C GLN B 198 20.76 -9.54 -8.84
N ASN B 199 20.57 -8.52 -8.02
CA ASN B 199 20.57 -7.17 -8.54
C ASN B 199 21.84 -6.38 -8.40
N ALA B 200 22.82 -6.90 -7.68
CA ALA B 200 23.95 -6.10 -7.21
C ALA B 200 25.25 -6.63 -7.78
N GLY B 201 26.25 -5.73 -7.80
CA GLY B 201 27.56 -6.04 -8.25
C GLY B 201 28.48 -5.03 -7.61
N THR B 202 29.74 -5.03 -8.00
CA THR B 202 30.69 -4.09 -7.42
C THR B 202 31.65 -3.60 -8.53
N GLY B 203 31.91 -2.29 -8.58
CA GLY B 203 32.88 -1.74 -9.50
C GLY B 203 34.19 -1.32 -8.83
N GLU B 204 35.11 -0.86 -9.64
CA GLU B 204 36.43 -0.46 -9.16
C GLU B 204 36.36 0.66 -8.13
N MET B 205 35.46 1.65 -8.37
CA MET B 205 35.35 2.86 -7.54
CA MET B 205 35.38 2.84 -7.53
C MET B 205 34.46 2.58 -6.33
N GLY B 206 34.75 3.25 -5.19
CA GLY B 206 33.84 3.26 -4.04
C GLY B 206 33.50 4.72 -3.74
N ALA B 207 32.47 4.96 -2.94
CA ALA B 207 32.01 6.32 -2.72
C ALA B 207 32.04 6.55 -1.17
N CYS B 208 33.10 7.17 -0.70
CA CYS B 208 33.29 7.39 0.72
C CYS B 208 32.83 8.72 1.24
N CYS B 209 32.33 8.71 2.47
CA CYS B 209 32.09 9.92 3.24
C CYS B 209 31.60 9.61 4.64
N HIS B 210 31.69 10.62 5.49
CA HIS B 210 31.27 10.48 6.89
C HIS B 210 29.81 9.99 6.99
N GLU B 211 29.51 9.23 8.06
CA GLU B 211 28.18 8.77 8.29
C GLU B 211 27.85 8.82 9.82
N MET B 212 26.70 9.41 10.16
CA MET B 212 26.14 9.37 11.52
C MET B 212 24.85 8.53 11.53
N ASP B 213 24.97 7.34 12.10
CA ASP B 213 23.81 6.44 12.15
C ASP B 213 23.02 6.66 13.39
N ILE B 214 21.83 7.23 13.21
CA ILE B 214 20.95 7.54 14.33
C ILE B 214 20.24 6.28 14.77
N TRP B 215 19.89 5.42 13.81
CA TRP B 215 19.00 4.29 14.10
C TRP B 215 19.23 3.17 13.10
N GLU B 216 19.82 2.08 13.56
CA GLU B 216 19.96 0.88 12.72
C GLU B 216 19.31 -0.17 13.57
N ALA B 217 18.23 -0.76 13.08
CA ALA B 217 17.43 -1.55 14.01
C ALA B 217 16.48 -2.50 13.34
N ASN B 218 16.16 -3.58 14.07
CA ASN B 218 14.97 -4.32 13.73
C ASN B 218 14.17 -4.53 15.00
N SER B 219 13.17 -5.40 15.00
CA SER B 219 12.44 -5.62 16.26
C SER B 219 13.28 -6.23 17.43
N GLN B 220 14.46 -6.73 17.15
CA GLN B 220 15.28 -7.51 18.12
C GLN B 220 16.50 -6.74 18.63
N ALA B 221 17.01 -5.77 17.88
CA ALA B 221 18.17 -5.05 18.38
C ALA B 221 18.25 -3.68 17.69
N GLN B 222 19.01 -2.75 18.27
CA GLN B 222 19.19 -1.44 17.70
C GLN B 222 20.54 -0.86 18.14
N SER B 223 21.05 0.03 17.30
CA SER B 223 22.28 0.69 17.64
CA SER B 223 22.30 0.68 17.61
C SER B 223 22.31 2.07 17.01
N TYR B 224 23.19 2.90 17.53
CA TYR B 224 23.49 4.19 16.90
C TYR B 224 24.99 4.35 16.92
N THR B 225 25.57 4.92 15.85
CA THR B 225 27.01 4.86 15.60
C THR B 225 27.46 6.04 14.84
N ALA B 226 28.62 6.53 15.23
CA ALA B 226 29.30 7.60 14.53
C ALA B 226 30.44 7.02 13.72
N HIS B 227 30.50 7.33 12.43
CA HIS B 227 31.58 6.89 11.53
C HIS B 227 32.26 8.11 10.97
N VAL B 228 33.56 8.22 11.23
CA VAL B 228 34.29 9.39 10.73
C VAL B 228 35.27 8.96 9.65
N CYS B 229 35.50 9.81 8.64
CA CYS B 229 36.50 9.52 7.59
C CYS B 229 37.58 10.61 7.67
N SER B 230 38.77 10.31 7.13
CA SER B 230 39.91 11.22 7.13
C SER B 230 39.84 12.13 5.93
N VAL B 231 38.77 12.02 5.14
CA VAL B 231 38.59 12.78 3.93
C VAL B 231 37.36 13.67 4.05
N ASP B 232 37.36 14.75 3.28
CA ASP B 232 36.46 15.88 3.45
C ASP B 232 35.26 15.68 2.52
N GLY B 233 34.13 15.25 3.05
CA GLY B 233 32.90 15.07 2.24
C GLY B 233 32.93 13.93 1.21
N TYR B 234 32.08 14.05 0.17
CA TYR B 234 31.96 12.96 -0.82
C TYR B 234 33.32 12.68 -1.49
N THR B 235 33.82 11.47 -1.35
CA THR B 235 35.17 11.21 -1.86
C THR B 235 35.21 9.87 -2.63
N PRO B 236 35.37 9.90 -3.97
CA PRO B 236 35.54 8.61 -4.71
C PRO B 236 36.85 7.94 -4.28
N CYS B 237 36.90 6.62 -4.18
CA CYS B 237 38.12 5.95 -3.80
C CYS B 237 38.38 4.76 -4.75
N THR B 238 39.67 4.35 -4.90
CA THR B 238 39.99 3.05 -5.48
C THR B 238 41.11 2.41 -4.66
N GLY B 239 41.33 1.14 -4.90
CA GLY B 239 42.39 0.36 -4.21
C GLY B 239 42.29 0.39 -2.71
N THR B 240 43.40 0.54 -2.05
CA THR B 240 43.40 0.40 -0.57
CA THR B 240 43.42 0.42 -0.59
C THR B 240 42.75 1.61 0.12
N ASP B 241 42.53 2.72 -0.58
CA ASP B 241 41.86 3.83 0.09
C ASP B 241 40.39 3.50 0.42
N CYS B 242 39.78 2.57 -0.31
CA CYS B 242 38.40 2.13 0.03
C CYS B 242 38.38 1.28 1.28
N GLY B 243 39.53 0.74 1.70
CA GLY B 243 39.54 -0.08 2.94
C GLY B 243 38.53 -1.23 2.91
N ASP B 244 38.55 -2.00 1.81
CA ASP B 244 37.61 -3.06 1.59
C ASP B 244 37.58 -4.11 2.67
N ASN B 245 36.39 -4.69 2.83
CA ASN B 245 36.15 -5.77 3.78
C ASN B 245 37.27 -6.76 3.63
N GLY B 246 37.76 -7.35 4.73
CA GLY B 246 38.79 -8.34 4.63
C GLY B 246 40.07 -7.71 5.10
N ASP B 247 41.16 -7.97 4.40
CA ASP B 247 42.46 -7.54 4.88
C ASP B 247 42.66 -6.03 4.91
N ASP B 248 41.90 -5.31 4.11
CA ASP B 248 42.14 -3.88 3.96
C ASP B 248 41.22 -3.05 4.85
N ARG B 249 40.50 -3.74 5.76
CA ARG B 249 39.34 -3.14 6.41
C ARG B 249 39.73 -1.85 7.11
N TYR B 250 40.89 -1.84 7.73
CA TYR B 250 41.34 -0.66 8.52
C TYR B 250 42.37 0.22 7.83
N LYS B 251 42.54 0.04 6.53
CA LYS B 251 43.61 0.69 5.80
C LYS B 251 43.09 1.80 4.89
N GLY B 252 41.78 2.02 4.86
CA GLY B 252 41.24 3.00 3.91
C GLY B 252 41.04 4.36 4.59
N VAL B 253 40.22 5.21 3.99
CA VAL B 253 40.00 6.54 4.48
C VAL B 253 38.83 6.72 5.45
N CYS B 254 37.93 5.74 5.54
CA CYS B 254 36.77 5.80 6.42
C CYS B 254 36.76 4.71 7.44
N ASP B 255 36.11 4.99 8.57
CA ASP B 255 35.92 4.01 9.67
C ASP B 255 34.68 3.15 9.45
N LYS B 256 34.87 1.94 8.91
CA LYS B 256 33.73 1.02 8.64
C LYS B 256 33.00 0.56 9.92
N ASP B 257 33.76 0.25 10.98
CA ASP B 257 33.10 -0.16 12.22
C ASP B 257 32.31 0.95 12.89
N GLY B 258 32.93 2.09 13.02
CA GLY B 258 32.30 3.24 13.68
C GLY B 258 32.40 3.12 15.20
N CYS B 259 32.05 4.18 15.89
CA CYS B 259 31.94 4.07 17.35
C CYS B 259 30.46 3.82 17.66
N ASP B 260 30.12 2.58 18.06
CA ASP B 260 28.71 2.14 18.11
C ASP B 260 28.21 2.06 19.54
N TYR B 261 26.96 2.45 19.73
CA TYR B 261 26.36 2.40 21.01
C TYR B 261 25.16 1.46 20.83
N ALA B 262 25.34 0.18 21.14
CA ALA B 262 24.27 -0.77 20.88
C ALA B 262 23.91 -1.40 22.24
N ALA B 263 22.73 -1.09 22.76
CA ALA B 263 22.44 -1.37 24.15
C ALA B 263 22.60 -2.89 24.55
N TYR B 264 22.20 -3.81 23.65
CA TYR B 264 22.29 -5.26 23.96
C TYR B 264 23.75 -5.68 24.07
N ARG B 265 24.52 -5.30 23.06
CA ARG B 265 25.95 -5.50 23.05
C ARG B 265 26.62 -4.89 24.25
N LEU B 266 26.04 -3.82 24.80
CA LEU B 266 26.57 -3.23 26.01
C LEU B 266 26.09 -3.86 27.33
N GLY B 267 25.48 -5.05 27.22
CA GLY B 267 25.04 -5.83 28.35
C GLY B 267 23.70 -5.48 28.91
N GLN B 268 22.89 -4.75 28.12
CA GLN B 268 21.55 -4.41 28.52
C GLN B 268 20.56 -5.21 27.68
N HIS B 269 20.31 -6.43 28.13
CA HIS B 269 19.62 -7.38 27.27
C HIS B 269 18.16 -7.14 27.17
N ASP B 270 17.52 -6.64 28.21
CA ASP B 270 16.08 -6.39 28.02
C ASP B 270 15.60 -4.95 27.94
N PHE B 271 16.55 -4.07 27.69
CA PHE B 271 16.23 -2.67 27.40
C PHE B 271 15.35 -2.49 26.16
N TYR B 272 15.69 -3.11 25.05
CA TYR B 272 14.99 -2.98 23.79
C TYR B 272 14.68 -4.34 23.20
N GLY B 273 13.43 -4.53 22.81
CA GLY B 273 13.03 -5.66 22.04
C GLY B 273 11.59 -5.94 22.35
N GLU B 274 11.17 -7.17 22.07
CA GLU B 274 9.82 -7.66 22.35
C GLU B 274 9.56 -7.57 23.87
N GLY B 275 8.58 -6.78 24.29
CA GLY B 275 8.38 -6.55 25.72
C GLY B 275 9.52 -5.92 26.51
N GLY B 276 10.49 -5.28 25.81
CA GLY B 276 11.57 -4.59 26.55
C GLY B 276 11.11 -3.28 27.19
N THR B 277 12.01 -2.59 27.92
CA THR B 277 11.71 -1.38 28.60
C THR B 277 11.25 -0.39 27.54
N VAL B 278 11.99 -0.38 26.41
CA VAL B 278 11.46 0.16 25.17
C VAL B 278 10.96 -1.03 24.35
N ASP B 279 9.68 -1.04 24.04
CA ASP B 279 9.09 -2.20 23.47
C ASP B 279 9.03 -2.05 21.96
N SER B 280 9.73 -2.95 21.24
CA SER B 280 9.76 -2.82 19.76
C SER B 280 8.48 -3.25 19.11
N GLY B 281 7.52 -3.78 19.86
CA GLY B 281 6.21 -4.24 19.30
C GLY B 281 5.33 -3.07 18.90
N SER B 282 5.79 -1.87 19.21
CA SER B 282 4.96 -0.71 19.12
C SER B 282 5.76 0.50 18.65
N THR B 283 5.12 1.52 18.10
CA THR B 283 5.86 2.80 17.85
C THR B 283 6.62 3.39 19.04
N LEU B 284 7.80 3.92 18.77
CA LEU B 284 8.52 4.61 19.80
C LEU B 284 9.18 5.85 19.22
N THR B 285 9.45 6.77 20.12
CA THR B 285 10.13 8.02 19.79
C THR B 285 11.59 7.88 20.13
N VAL B 286 12.45 8.25 19.19
CA VAL B 286 13.91 8.22 19.34
C VAL B 286 14.43 9.62 19.34
N ILE B 287 15.07 10.06 20.45
CA ILE B 287 15.53 11.44 20.53
C ILE B 287 17.08 11.42 20.63
N THR B 288 17.77 12.21 19.82
CA THR B 288 19.24 12.14 19.86
C THR B 288 19.74 13.58 19.95
N GLN B 289 20.69 13.82 20.87
CA GLN B 289 21.17 15.19 21.08
C GLN B 289 22.65 15.28 20.82
N PHE B 290 23.03 16.33 20.11
CA PHE B 290 24.42 16.55 19.77
C PHE B 290 24.99 17.68 20.57
N ILE B 291 25.66 17.34 21.67
CA ILE B 291 25.97 18.30 22.70
C ILE B 291 27.38 18.75 22.45
N THR B 292 27.58 20.04 22.48
CA THR B 292 28.92 20.60 22.27
C THR B 292 29.57 21.18 23.49
N GLY B 293 30.90 21.32 23.41
CA GLY B 293 31.65 22.02 24.39
C GLY B 293 32.71 22.78 23.60
N GLY B 294 32.81 24.08 23.86
CA GLY B 294 33.74 24.94 23.06
C GLY B 294 33.42 24.85 21.57
N GLY B 295 32.14 24.67 21.28
CA GLY B 295 31.65 24.61 19.92
C GLY B 295 31.94 23.31 19.22
N GLY B 296 32.58 22.35 19.87
CA GLY B 296 32.82 21.04 19.22
C GLY B 296 32.03 19.93 19.90
N LEU B 297 31.54 18.98 19.11
CA LEU B 297 30.72 17.87 19.62
C LEU B 297 31.54 17.17 20.70
N ASN B 298 30.94 16.87 21.85
CA ASN B 298 31.61 16.01 22.91
C ASN B 298 30.74 14.86 23.40
N GLU B 299 29.46 14.85 22.99
CA GLU B 299 28.56 13.83 23.45
C GLU B 299 27.37 13.61 22.50
N ILE B 300 27.00 12.36 22.30
CA ILE B 300 25.72 12.10 21.51
C ILE B 300 24.86 11.32 22.49
N ARG B 301 23.82 11.99 23.00
CA ARG B 301 22.92 11.43 24.00
C ARG B 301 21.68 10.94 23.33
N ARG B 302 21.08 9.95 23.95
CA ARG B 302 19.89 9.29 23.44
C ARG B 302 18.86 9.24 24.53
N ILE B 303 17.64 9.57 24.14
CA ILE B 303 16.48 9.49 24.97
C ILE B 303 15.34 8.83 24.18
N TYR B 304 14.54 8.00 24.84
CA TYR B 304 13.36 7.41 24.19
C TYR B 304 12.09 7.90 24.85
N GLN B 305 10.99 7.86 24.11
CA GLN B 305 9.65 8.00 24.70
C GLN B 305 8.74 6.95 24.09
N GLN B 306 7.87 6.42 24.90
CA GLN B 306 6.88 5.48 24.42
C GLN B 306 5.78 5.48 25.45
N GLY B 307 4.53 5.42 24.97
CA GLY B 307 3.33 5.56 25.85
C GLY B 307 3.24 6.93 26.52
N GLY B 308 3.90 7.94 25.98
CA GLY B 308 3.98 9.22 26.64
C GLY B 308 4.92 9.27 27.86
N GLN B 309 5.66 8.20 28.09
CA GLN B 309 6.65 8.19 29.13
C GLN B 309 8.09 8.34 28.56
N THR B 310 8.98 8.93 29.34
CA THR B 310 10.39 9.20 28.99
C THR B 310 11.24 8.07 29.55
N ILE B 311 12.08 7.50 28.70
CA ILE B 311 12.96 6.41 29.06
C ILE B 311 14.43 6.80 28.77
N GLN B 312 15.20 6.96 29.83
CA GLN B 312 16.66 7.24 29.67
C GLN B 312 17.40 6.08 29.00
N ASN B 313 18.54 6.42 28.38
CA ASN B 313 19.31 5.45 27.64
C ASN B 313 19.85 4.42 28.62
N ALA B 314 19.86 3.15 28.27
CA ALA B 314 20.47 2.13 29.13
C ALA B 314 21.98 2.33 29.14
N ALA B 315 22.57 2.27 30.32
CA ALA B 315 23.99 2.47 30.45
C ALA B 315 24.79 1.16 30.22
N VAL B 316 26.05 1.28 29.82
CA VAL B 316 26.98 0.14 29.75
C VAL B 316 26.94 -0.65 31.05
N ASN B 317 26.90 -1.97 30.91
CA ASN B 317 26.70 -2.87 32.00
C ASN B 317 27.71 -3.99 32.05
N PHE B 318 28.94 -3.63 32.35
CA PHE B 318 30.07 -4.57 32.58
C PHE B 318 30.74 -4.11 33.90
N PRO B 319 30.05 -4.34 35.06
CA PRO B 319 30.56 -3.87 36.38
C PRO B 319 32.03 -4.26 36.67
N GLY B 320 32.83 -3.26 37.04
CA GLY B 320 34.27 -3.42 37.19
C GLY B 320 35.16 -3.55 35.95
N ASP B 321 34.56 -3.60 34.75
CA ASP B 321 35.33 -3.73 33.52
C ASP B 321 35.25 -2.44 32.70
N VAL B 322 34.06 -1.82 32.64
CA VAL B 322 33.89 -0.57 31.90
C VAL B 322 33.02 0.34 32.74
N ASP B 323 33.32 1.62 32.80
CA ASP B 323 32.44 2.56 33.52
C ASP B 323 31.04 2.50 32.89
N PRO B 324 30.00 2.79 33.69
CA PRO B 324 28.63 2.81 33.19
C PRO B 324 28.36 4.11 32.35
N TYR B 325 28.98 4.23 31.20
CA TYR B 325 28.66 5.29 30.25
C TYR B 325 27.25 5.06 29.72
N ASP B 326 26.61 6.13 29.28
CA ASP B 326 25.30 5.94 28.71
C ASP B 326 25.08 6.80 27.50
N SER B 327 26.16 7.14 26.82
CA SER B 327 26.08 7.93 25.61
C SER B 327 27.38 7.76 24.86
N ILE B 328 27.45 8.29 23.65
CA ILE B 328 28.69 8.22 22.91
C ILE B 328 29.53 9.43 23.31
N THR B 329 30.70 9.13 23.81
CA THR B 329 31.72 10.17 24.09
C THR B 329 33.07 9.66 23.69
N GLU B 330 34.09 10.53 23.69
CA GLU B 330 35.42 10.07 23.33
C GLU B 330 35.91 8.97 24.32
N ASP B 331 35.76 9.19 25.63
CA ASP B 331 36.15 8.18 26.68
C ASP B 331 35.42 6.85 26.55
N PHE B 332 34.14 6.94 26.23
CA PHE B 332 33.38 5.72 25.92
C PHE B 332 33.98 4.89 24.77
N CYS B 333 34.23 5.56 23.63
CA CYS B 333 34.71 4.83 22.44
C CYS B 333 36.05 4.16 22.74
N VAL B 334 36.94 4.88 23.43
CA VAL B 334 38.29 4.33 23.82
C VAL B 334 38.15 3.08 24.72
N ASP B 335 37.41 3.26 25.83
CA ASP B 335 37.29 2.24 26.86
C ASP B 335 36.55 1.04 26.29
N ILE B 336 35.48 1.32 25.53
CA ILE B 336 34.70 0.20 25.06
C ILE B 336 35.48 -0.59 23.99
N LYS B 337 36.21 0.10 23.12
CA LYS B 337 36.95 -0.64 22.04
C LYS B 337 38.11 -1.50 22.66
N ARG B 338 38.64 -1.03 23.77
CA ARG B 338 39.72 -1.72 24.46
C ARG B 338 39.15 -3.00 25.07
N TYR B 339 38.03 -2.90 25.78
CA TYR B 339 37.39 -4.06 26.40
C TYR B 339 36.94 -5.05 25.29
N PHE B 340 36.37 -4.54 24.19
CA PHE B 340 35.86 -5.41 23.11
C PHE B 340 36.93 -5.95 22.15
N GLY B 341 38.17 -5.50 22.34
CA GLY B 341 39.30 -5.91 21.52
C GLY B 341 39.18 -5.41 20.09
N ASP B 342 38.41 -4.32 19.85
CA ASP B 342 38.23 -3.73 18.52
C ASP B 342 39.29 -2.65 18.22
N THR B 343 39.75 -2.60 16.97
CA THR B 343 40.65 -1.58 16.50
C THR B 343 39.92 -0.24 16.57
N ASN B 344 40.59 0.74 17.15
CA ASN B 344 39.98 2.02 17.33
C ASN B 344 40.24 2.83 16.06
N ASP B 345 39.52 2.45 15.02
CA ASP B 345 39.70 3.13 13.76
C ASP B 345 38.98 4.49 13.79
N PHE B 346 37.95 4.59 14.64
CA PHE B 346 37.27 5.88 14.89
C PHE B 346 38.28 6.97 15.23
N ASP B 347 39.12 6.71 16.24
CA ASP B 347 40.19 7.67 16.56
C ASP B 347 41.24 7.88 15.51
N ALA B 348 41.64 6.79 14.83
CA ALA B 348 42.59 6.85 13.73
C ALA B 348 42.16 7.81 12.61
N LYS B 349 40.84 7.92 12.41
CA LYS B 349 40.28 8.71 11.34
C LYS B 349 39.88 10.12 11.75
N GLY B 350 40.05 10.46 13.01
CA GLY B 350 39.70 11.82 13.46
C GLY B 350 38.96 11.92 14.76
N GLY B 351 38.40 10.80 15.27
CA GLY B 351 37.70 10.78 16.57
C GLY B 351 36.56 11.78 16.64
N MET B 352 36.27 12.23 17.85
CA MET B 352 35.08 13.01 18.11
C MET B 352 35.24 14.41 17.45
N SER B 353 36.46 14.98 17.38
CA SER B 353 36.48 16.31 16.73
C SER B 353 36.48 16.16 15.20
N GLY B 354 36.93 15.01 14.71
CA GLY B 354 36.78 14.78 13.26
C GLY B 354 35.27 14.72 12.95
N MET B 355 34.50 14.06 13.81
CA MET B 355 33.05 13.83 13.56
C MET B 355 32.35 15.19 13.70
N SER B 356 32.88 16.00 14.64
CA SER B 356 32.33 17.29 14.89
C SER B 356 32.35 18.18 13.61
N ASN B 357 33.51 18.22 13.00
CA ASN B 357 33.72 19.02 11.78
C ASN B 357 32.88 18.50 10.63
N ALA B 358 32.67 17.20 10.54
CA ALA B 358 31.74 16.64 9.57
C ALA B 358 30.32 17.11 9.83
N LEU B 359 29.89 17.06 11.10
CA LEU B 359 28.48 17.48 11.43
C LEU B 359 28.32 18.95 11.08
N LYS B 360 29.40 19.70 11.29
CA LYS B 360 29.42 21.15 11.09
C LYS B 360 29.23 21.51 9.62
N LYS B 361 29.76 20.69 8.72
CA LYS B 361 29.60 20.90 7.28
C LYS B 361 28.25 20.47 6.71
N GLY B 362 27.42 19.83 7.52
CA GLY B 362 26.05 19.53 7.10
C GLY B 362 25.98 18.16 6.47
N MET B 363 24.87 17.45 6.71
CA MET B 363 24.72 16.14 6.24
C MET B 363 23.29 15.92 5.69
N VAL B 364 23.13 14.88 4.88
CA VAL B 364 21.88 14.58 4.19
C VAL B 364 21.21 13.45 4.98
N LEU B 365 19.89 13.55 5.18
CA LEU B 365 19.08 12.49 5.81
C LEU B 365 18.72 11.33 4.86
N VAL B 366 18.90 10.09 5.32
CA VAL B 366 18.67 8.92 4.52
C VAL B 366 17.78 7.99 5.35
N MET B 367 16.82 7.40 4.68
CA MET B 367 16.03 6.35 5.26
C MET B 367 16.14 5.18 4.32
N SER B 368 16.33 3.98 4.90
CA SER B 368 16.57 2.78 4.10
CA SER B 368 16.52 2.81 4.09
C SER B 368 15.95 1.56 4.75
N LEU B 369 15.71 0.54 3.97
CA LEU B 369 15.32 -0.77 4.49
C LEU B 369 16.10 -1.81 3.69
N TRP B 370 16.87 -2.65 4.37
CA TRP B 370 17.72 -3.53 3.63
C TRP B 370 18.03 -4.84 4.40
N ASP B 371 18.50 -5.83 3.67
CA ASP B 371 19.13 -6.99 4.31
C ASP B 371 20.60 -6.97 4.00
N ASP B 372 21.38 -7.92 4.56
CA ASP B 372 22.82 -7.78 4.57
C ASP B 372 23.44 -9.02 3.90
N HIS B 373 23.89 -8.85 2.67
CA HIS B 373 24.53 -9.99 1.94
C HIS B 373 25.94 -10.30 2.36
N TYR B 374 26.59 -9.44 3.11
CA TYR B 374 27.97 -9.65 3.53
C TYR B 374 28.02 -10.39 4.87
N ALA B 375 27.21 -9.97 5.84
CA ALA B 375 27.28 -10.56 7.16
C ALA B 375 25.93 -10.89 7.84
N ASN B 376 24.85 -10.97 7.07
CA ASN B 376 23.53 -11.39 7.57
C ASN B 376 22.98 -10.60 8.79
N MET B 377 23.49 -9.37 9.00
CA MET B 377 23.03 -8.45 10.06
C MET B 377 23.38 -9.04 11.41
N LEU B 378 24.25 -10.05 11.43
CA LEU B 378 24.67 -10.70 12.70
C LEU B 378 25.32 -9.72 13.66
N TRP B 379 26.06 -8.77 13.09
CA TRP B 379 26.79 -7.78 13.86
C TRP B 379 25.80 -6.89 14.65
N LEU B 380 24.55 -6.87 14.20
CA LEU B 380 23.53 -6.04 14.87
C LEU B 380 22.75 -6.85 15.86
N ASP B 381 22.36 -8.06 15.49
CA ASP B 381 21.36 -8.76 16.26
C ASP B 381 21.67 -10.22 16.73
N ALA B 382 22.89 -10.70 16.58
CA ALA B 382 23.21 -12.09 16.94
C ALA B 382 24.50 -12.17 17.74
N THR B 383 25.45 -12.98 17.30
CA THR B 383 26.80 -13.06 17.83
C THR B 383 27.67 -12.88 16.67
N TYR B 384 28.70 -12.06 16.78
CA TYR B 384 29.56 -11.79 15.65
C TYR B 384 30.91 -11.33 16.16
N PRO B 385 31.99 -11.97 15.68
CA PRO B 385 31.99 -13.14 14.79
C PRO B 385 31.27 -14.33 15.47
N VAL B 386 30.67 -15.19 14.64
CA VAL B 386 29.69 -16.17 15.08
C VAL B 386 30.27 -17.18 16.03
N ASP B 387 31.59 -17.39 15.95
CA ASP B 387 32.28 -18.37 16.76
C ASP B 387 33.05 -17.71 17.93
N SER B 388 32.85 -16.41 18.14
CA SER B 388 33.56 -15.72 19.22
C SER B 388 32.77 -15.70 20.55
N THR B 389 33.49 -15.91 21.65
CA THR B 389 32.90 -15.75 22.99
C THR B 389 33.58 -14.62 23.73
N GLU B 390 34.45 -13.87 23.10
CA GLU B 390 35.09 -12.74 23.77
C GLU B 390 34.05 -11.63 24.08
N PRO B 391 34.36 -10.73 25.02
CA PRO B 391 33.50 -9.56 25.27
C PRO B 391 33.17 -8.73 24.02
N GLY B 392 31.90 -8.43 23.83
CA GLY B 392 31.44 -7.69 22.67
C GLY B 392 31.00 -8.59 21.54
N ALA B 393 31.20 -9.93 21.68
CA ALA B 393 30.77 -10.81 20.58
C ALA B 393 29.26 -10.85 20.50
N LEU B 394 28.61 -10.93 21.63
CA LEU B 394 27.19 -11.13 21.66
C LEU B 394 26.53 -9.76 21.35
N ARG B 395 25.57 -9.76 20.41
CA ARG B 395 25.01 -8.48 19.92
C ARG B 395 23.54 -8.40 20.16
N GLY B 396 22.88 -9.54 20.12
CA GLY B 396 21.38 -9.56 20.09
C GLY B 396 20.91 -10.95 20.42
N PRO B 397 19.59 -11.15 20.49
CA PRO B 397 19.02 -12.49 20.82
C PRO B 397 18.88 -13.45 19.63
N CYS B 398 19.23 -13.04 18.43
CA CYS B 398 18.95 -13.86 17.26
C CYS B 398 19.99 -14.92 17.11
N SER B 399 19.71 -15.94 16.33
CA SER B 399 20.68 -17.04 16.15
C SER B 399 21.74 -16.73 15.09
N THR B 400 22.90 -17.37 15.20
CA THR B 400 23.97 -17.07 14.26
C THR B 400 23.59 -17.68 12.89
N ASP B 401 22.48 -18.45 12.82
CA ASP B 401 21.93 -18.92 11.54
C ASP B 401 20.94 -17.95 10.91
N SER B 402 20.58 -16.90 11.63
CA SER B 402 19.54 -15.95 11.11
C SER B 402 20.10 -15.04 10.03
N GLY B 403 19.19 -14.34 9.34
CA GLY B 403 19.60 -13.20 8.50
C GLY B 403 20.10 -13.46 7.09
N ASP B 404 20.16 -14.71 6.64
CA ASP B 404 20.62 -14.95 5.29
C ASP B 404 19.62 -14.33 4.30
N PRO B 405 20.10 -13.51 3.37
CA PRO B 405 19.11 -12.77 2.55
C PRO B 405 18.15 -13.68 1.78
N ALA B 406 18.65 -14.78 1.24
CA ALA B 406 17.77 -15.78 0.59
C ALA B 406 16.63 -16.15 1.53
N ASP B 407 16.98 -16.41 2.80
CA ASP B 407 15.99 -16.85 3.81
C ASP B 407 14.96 -15.78 4.10
N VAL B 408 15.41 -14.59 4.44
CA VAL B 408 14.48 -13.54 4.86
C VAL B 408 13.65 -12.99 3.70
N GLU B 409 14.19 -12.97 2.48
CA GLU B 409 13.42 -12.51 1.32
C GLU B 409 12.32 -13.53 1.03
N ALA B 410 12.59 -14.81 1.33
CA ALA B 410 11.56 -15.84 1.15
C ALA B 410 10.55 -15.86 2.25
N ASN B 411 11.05 -15.76 3.49
CA ASN B 411 10.23 -15.98 4.70
C ASN B 411 9.49 -14.76 5.24
N PHE B 412 10.02 -13.57 4.96
CA PHE B 412 9.43 -12.36 5.55
C PHE B 412 9.39 -11.22 4.50
N PRO B 413 8.91 -11.52 3.27
CA PRO B 413 8.85 -10.53 2.21
C PRO B 413 7.99 -9.30 2.54
N GLY B 414 6.94 -9.49 3.34
CA GLY B 414 6.07 -8.41 3.76
C GLY B 414 6.64 -7.51 4.88
N SER B 415 7.91 -7.65 5.22
CA SER B 415 8.45 -6.85 6.32
C SER B 415 8.41 -5.37 5.92
N THR B 416 8.16 -4.46 6.86
CA THR B 416 8.21 -3.01 6.51
C THR B 416 8.75 -2.21 7.68
N VAL B 417 9.06 -0.94 7.45
CA VAL B 417 9.33 -0.04 8.57
C VAL B 417 8.56 1.27 8.31
N THR B 418 8.13 1.95 9.37
CA THR B 418 7.46 3.23 9.24
C THR B 418 8.21 4.19 10.08
N PHE B 419 8.62 5.31 9.47
CA PHE B 419 9.30 6.41 10.14
C PHE B 419 8.33 7.57 10.13
N SER B 420 8.21 8.31 11.25
CA SER B 420 7.35 9.48 11.19
C SER B 420 7.79 10.59 12.10
N ASN B 421 7.23 11.79 11.88
CA ASN B 421 7.37 12.87 12.83
C ASN B 421 8.85 13.32 12.98
N ILE B 422 9.55 13.40 11.87
CA ILE B 422 10.90 13.87 11.88
C ILE B 422 10.94 15.33 12.27
N LYS B 423 11.91 15.63 13.13
CA LYS B 423 11.92 16.90 13.82
C LYS B 423 13.32 17.25 14.20
N ILE B 424 13.74 18.48 13.94
CA ILE B 424 14.98 18.96 14.52
C ILE B 424 14.62 20.28 15.25
N GLY B 425 15.33 20.57 16.32
CA GLY B 425 15.01 21.73 17.19
C GLY B 425 16.13 21.87 18.24
N PRO B 426 15.98 22.84 19.18
CA PRO B 426 16.93 23.04 20.27
C PRO B 426 16.93 21.85 21.24
N ILE B 427 18.08 21.62 21.83
CA ILE B 427 18.19 20.55 22.85
C ILE B 427 17.27 20.85 24.07
N GLN B 428 16.43 19.89 24.45
CA GLN B 428 15.47 20.01 25.55
C GLN B 428 15.95 19.16 26.72
N SER B 429 15.41 19.41 27.90
CA SER B 429 15.70 18.65 29.12
C SER B 429 14.68 17.55 29.26
N TYR B 430 15.17 16.36 29.59
CA TYR B 430 14.36 15.23 29.88
C TYR B 430 14.62 14.83 31.32
N ASP B 431 14.15 13.65 31.72
CA ASP B 431 14.01 13.37 33.17
C ASP B 431 14.24 11.90 33.55
#